data_4WUV
#
_entry.id   4WUV
#
_cell.length_a   67.976
_cell.length_b   138.382
_cell.length_c   115.942
_cell.angle_alpha   90.000
_cell.angle_beta   90.000
_cell.angle_gamma   90.000
#
_symmetry.space_group_name_H-M   'C 2 2 21'
#
loop_
_entity.id
_entity.type
_entity.pdbx_description
1 polymer '2-hydroxycyclohexanecarboxyl-CoA dehydrogenase'
2 non-polymer NICOTINAMIDE-ADENINE-DINUCLEOTIDE
3 non-polymer 1,2-ETHANEDIOL
4 water water
#
_entity_poly.entity_id   1
_entity_poly.type   'polypeptide(L)'
_entity_poly.pdbx_seq_one_letter_code
;(MSE)HHHHHHSSGVDLGTENLYFQS(MSE)EFT(MSE)NIAANHNLENKLIIITGAGGVLCSFLAKQLAYTKANIALLD
LNFEAADKVAKEINQSGGKAKAYKTNVLELENIKEVRNQIETDFGTCDILINGAGGNNPKATTDNEFHQFDLNETTRTFF
DLDKSGIEFVFNLNYLGSLLPTQVFAKD(MSE)LGKQGANIINISS(MSE)NAFTPLTKIPAYSGAKAAISNFTQWLAVY
FSKVGIRCNAIAPGFLVSNQNLALLFDTEGKPTDRANKILTNTP(MSE)GRFGESEELLGALLFLIDENYSAFVNGVVLP
VDGGFSAYSGV
;
_entity_poly.pdbx_strand_id   A,B
#
loop_
_chem_comp.id
_chem_comp.type
_chem_comp.name
_chem_comp.formula
EDO non-polymer 1,2-ETHANEDIOL 'C2 H6 O2'
NAD non-polymer NICOTINAMIDE-ADENINE-DINUCLEOTIDE 'C21 H27 N7 O14 P2'
#
# COMPACT_ATOMS: atom_id res chain seq x y z
N ASN A 28 12.31 6.74 -16.79
CA ASN A 28 12.24 6.74 -15.34
C ASN A 28 10.80 7.01 -14.91
N ILE A 29 10.24 6.15 -14.07
CA ILE A 29 8.84 6.34 -13.69
C ILE A 29 8.63 7.63 -12.90
N ALA A 30 9.66 8.16 -12.26
CA ALA A 30 9.49 9.40 -11.51
C ALA A 30 9.10 10.55 -12.43
N ALA A 31 9.50 10.48 -13.68
CA ALA A 31 9.12 11.50 -14.65
C ALA A 31 7.60 11.53 -14.94
N ASN A 32 6.86 10.49 -14.54
CA ASN A 32 5.41 10.44 -14.67
C ASN A 32 4.70 11.40 -13.74
N HIS A 33 5.43 11.88 -12.74
CA HIS A 33 4.83 12.62 -11.63
C HIS A 33 5.37 14.05 -11.57
N ASN A 34 4.56 15.01 -12.01
CA ASN A 34 5.02 16.38 -12.13
C ASN A 34 4.96 17.10 -10.78
N LEU A 35 6.12 17.28 -10.15
CA LEU A 35 6.21 17.97 -8.88
C LEU A 35 7.06 19.23 -9.07
N GLU A 36 7.01 19.80 -10.26
CA GLU A 36 7.83 20.97 -10.56
C GLU A 36 7.53 22.11 -9.58
N ASN A 37 8.60 22.70 -9.07
CA ASN A 37 8.53 23.86 -8.19
C ASN A 37 8.04 23.53 -6.78
N LYS A 38 7.79 22.25 -6.52
CA LYS A 38 7.54 21.80 -5.14
C LYS A 38 8.85 21.48 -4.46
N LEU A 39 8.83 21.54 -3.14
CA LEU A 39 10.00 21.23 -2.34
C LEU A 39 9.82 19.95 -1.57
N ILE A 40 10.71 18.99 -1.86
CA ILE A 40 10.81 17.74 -1.11
C ILE A 40 11.99 17.84 -0.17
N ILE A 41 11.71 17.67 1.12
CA ILE A 41 12.76 17.67 2.14
C ILE A 41 12.97 16.24 2.59
N ILE A 42 14.21 15.76 2.43
CA ILE A 42 14.56 14.37 2.73
C ILE A 42 15.61 14.33 3.82
N THR A 43 15.28 13.74 4.98
CA THR A 43 16.29 13.55 6.02
C THR A 43 16.97 12.20 5.89
N GLY A 44 18.17 12.08 6.44
CA GLY A 44 19.00 10.91 6.21
C GLY A 44 19.39 10.74 4.74
N ALA A 45 19.43 11.86 4.03
CA ALA A 45 19.58 11.87 2.57
C ALA A 45 20.89 11.30 2.03
N GLY A 46 21.91 11.20 2.88
CA GLY A 46 23.19 10.67 2.43
C GLY A 46 23.25 9.16 2.56
N GLY A 47 22.20 8.56 3.11
CA GLY A 47 22.15 7.12 3.29
C GLY A 47 21.91 6.33 2.02
N VAL A 48 22.00 5.01 2.11
CA VAL A 48 21.99 4.19 0.91
C VAL A 48 20.67 4.31 0.17
N LEU A 49 19.58 4.04 0.87
CA LEU A 49 18.29 4.07 0.24
CA LEU A 49 18.25 4.09 0.25
C LEU A 49 17.84 5.49 -0.14
N CYS A 50 18.00 6.43 0.78
CA CYS A 50 17.48 7.76 0.54
C CYS A 50 18.28 8.49 -0.54
N SER A 51 19.58 8.22 -0.65
CA SER A 51 20.37 8.88 -1.69
C SER A 51 19.87 8.37 -3.04
N PHE A 52 19.62 7.07 -3.14
CA PHE A 52 19.12 6.52 -4.39
C PHE A 52 17.76 7.14 -4.74
N LEU A 53 16.86 7.17 -3.76
CA LEU A 53 15.52 7.65 -4.00
C LEU A 53 15.51 9.15 -4.32
N ALA A 54 16.36 9.92 -3.64
CA ALA A 54 16.44 11.36 -3.89
C ALA A 54 16.87 11.64 -5.33
N LYS A 55 17.84 10.89 -5.83
CA LYS A 55 18.26 11.00 -7.22
C LYS A 55 17.12 10.73 -8.20
N GLN A 56 16.27 9.75 -7.89
CA GLN A 56 15.14 9.47 -8.79
C GLN A 56 14.07 10.54 -8.67
N LEU A 57 13.83 11.04 -7.46
CA LEU A 57 12.81 12.08 -7.27
C LEU A 57 13.13 13.38 -7.98
N ALA A 58 14.40 13.62 -8.25
CA ALA A 58 14.77 14.79 -9.03
C ALA A 58 14.09 14.83 -10.40
N TYR A 59 13.72 13.66 -10.95
CA TYR A 59 13.05 13.58 -12.27
C TYR A 59 11.59 14.02 -12.23
N THR A 60 11.03 14.18 -11.03
CA THR A 60 9.74 14.83 -10.86
C THR A 60 9.81 16.35 -11.07
N LYS A 61 11.02 16.87 -11.17
CA LYS A 61 11.33 18.31 -11.28
C LYS A 61 11.09 19.11 -9.98
N ALA A 62 10.87 18.41 -8.88
CA ALA A 62 10.87 19.05 -7.56
C ALA A 62 12.26 19.59 -7.21
N ASN A 63 12.26 20.63 -6.39
CA ASN A 63 13.45 21.02 -5.66
C ASN A 63 13.66 20.04 -4.51
N ILE A 64 14.89 19.59 -4.30
N ILE A 64 14.89 19.57 -4.33
CA ILE A 64 15.15 18.57 -3.29
CA ILE A 64 15.19 18.58 -3.32
C ILE A 64 16.20 19.01 -2.27
C ILE A 64 16.16 19.18 -2.29
N ALA A 65 15.77 19.16 -1.02
CA ALA A 65 16.67 19.53 0.07
C ALA A 65 17.11 18.25 0.75
N LEU A 66 18.42 18.06 0.84
CA LEU A 66 19.02 16.82 1.31
C LEU A 66 19.64 17.07 2.67
N LEU A 67 18.99 16.56 3.72
CA LEU A 67 19.39 16.82 5.08
C LEU A 67 20.07 15.59 5.67
N ASP A 68 21.24 15.78 6.25
CA ASP A 68 21.99 14.67 6.82
C ASP A 68 23.00 15.21 7.80
N LEU A 69 23.33 14.42 8.82
CA LEU A 69 24.38 14.77 9.77
C LEU A 69 25.74 14.70 9.08
N ASN A 70 25.82 13.88 8.04
CA ASN A 70 27.03 13.76 7.22
C ASN A 70 26.87 14.63 6.00
N PHE A 71 27.39 15.86 6.07
CA PHE A 71 27.20 16.82 4.98
C PHE A 71 27.81 16.31 3.67
N GLU A 72 29.00 15.74 3.75
CA GLU A 72 29.72 15.26 2.57
C GLU A 72 28.88 14.24 1.80
N ALA A 73 28.24 13.31 2.52
CA ALA A 73 27.42 12.27 1.91
C ALA A 73 26.22 12.88 1.20
N ALA A 74 25.60 13.88 1.81
CA ALA A 74 24.42 14.52 1.20
C ALA A 74 24.83 15.40 0.02
N ASP A 75 25.97 16.06 0.15
CA ASP A 75 26.46 16.97 -0.89
C ASP A 75 26.85 16.18 -2.14
N LYS A 76 27.34 14.96 -1.96
CA LYS A 76 27.63 14.09 -3.09
C LYS A 76 26.38 13.85 -3.94
N VAL A 77 25.26 13.60 -3.27
CA VAL A 77 23.98 13.40 -3.94
C VAL A 77 23.53 14.70 -4.61
N ALA A 78 23.68 15.82 -3.90
CA ALA A 78 23.25 17.09 -4.48
C ALA A 78 24.00 17.35 -5.75
N LYS A 79 25.31 17.07 -5.75
CA LYS A 79 26.13 17.35 -6.93
C LYS A 79 25.72 16.49 -8.12
N GLU A 80 25.41 15.23 -7.87
CA GLU A 80 24.93 14.35 -8.93
C GLU A 80 23.58 14.79 -9.49
N ILE A 81 22.68 15.20 -8.61
CA ILE A 81 21.38 15.65 -9.07
C ILE A 81 21.55 16.92 -9.91
N ASN A 82 22.36 17.85 -9.42
CA ASN A 82 22.51 19.10 -10.17
C ASN A 82 23.21 18.87 -11.49
N GLN A 83 24.17 17.93 -11.53
CA GLN A 83 24.91 17.68 -12.77
C GLN A 83 23.99 17.17 -13.86
N SER A 84 22.97 16.42 -13.45
CA SER A 84 22.00 15.85 -14.39
C SER A 84 20.85 16.79 -14.77
N GLY A 85 20.86 18.01 -14.23
CA GLY A 85 19.90 19.02 -14.63
C GLY A 85 18.78 19.21 -13.62
N GLY A 86 18.92 18.56 -12.48
CA GLY A 86 17.96 18.65 -11.38
C GLY A 86 18.27 19.84 -10.49
N LYS A 87 17.54 19.95 -9.39
CA LYS A 87 17.71 21.06 -8.46
C LYS A 87 17.73 20.56 -7.04
N ALA A 88 18.90 20.62 -6.43
CA ALA A 88 19.12 20.06 -5.11
C ALA A 88 20.18 20.82 -4.35
N LYS A 89 20.07 20.76 -3.03
CA LYS A 89 21.10 21.31 -2.17
C LYS A 89 21.13 20.49 -0.90
N ALA A 90 22.32 20.31 -0.39
CA ALA A 90 22.52 19.61 0.87
C ALA A 90 22.63 20.57 2.07
N TYR A 91 22.15 20.10 3.21
CA TYR A 91 22.18 20.85 4.47
C TYR A 91 22.56 19.94 5.64
N LYS A 92 23.64 20.30 6.32
CA LYS A 92 24.04 19.60 7.53
C LYS A 92 23.00 19.82 8.60
N THR A 93 22.44 18.72 9.07
CA THR A 93 21.35 18.74 10.01
C THR A 93 21.48 17.63 11.00
N ASN A 94 21.28 17.93 12.27
CA ASN A 94 21.06 16.88 13.26
C ASN A 94 19.58 16.82 13.61
N VAL A 95 18.90 15.73 13.23
CA VAL A 95 17.46 15.66 13.41
C VAL A 95 17.03 15.55 14.87
N LEU A 96 17.99 15.46 15.79
CA LEU A 96 17.68 15.41 17.21
C LEU A 96 17.80 16.78 17.89
N GLU A 97 18.20 17.79 17.12
CA GLU A 97 18.47 19.13 17.66
C GLU A 97 17.52 20.14 17.03
N LEU A 98 16.45 20.45 17.77
CA LEU A 98 15.39 21.31 17.26
C LEU A 98 15.94 22.65 16.76
N GLU A 99 16.85 23.27 17.49
CA GLU A 99 17.31 24.58 17.05
C GLU A 99 18.12 24.47 15.75
N ASN A 100 18.82 23.36 15.54
CA ASN A 100 19.53 23.16 14.30
C ASN A 100 18.57 22.98 13.12
N ILE A 101 17.54 22.18 13.34
CA ILE A 101 16.56 21.93 12.29
C ILE A 101 15.90 23.27 11.92
N LYS A 102 15.59 24.09 12.92
CA LYS A 102 14.98 25.39 12.65
C LYS A 102 15.91 26.29 11.83
N GLU A 103 17.21 26.30 12.14
CA GLU A 103 18.15 27.10 11.37
C GLU A 103 18.22 26.62 9.93
N VAL A 104 18.25 25.30 9.74
CA VAL A 104 18.25 24.73 8.40
C VAL A 104 16.95 25.07 7.66
N ARG A 105 15.82 25.02 8.34
CA ARG A 105 14.55 25.41 7.73
C ARG A 105 14.63 26.84 7.19
N ASN A 106 15.23 27.75 7.96
CA ASN A 106 15.37 29.13 7.51
C ASN A 106 16.25 29.22 6.28
N GLN A 107 17.35 28.45 6.26
CA GLN A 107 18.26 28.44 5.13
C GLN A 107 17.55 27.93 3.88
N ILE A 108 16.79 26.85 4.04
CA ILE A 108 16.04 26.29 2.93
C ILE A 108 15.02 27.30 2.39
N GLU A 109 14.39 28.06 3.27
CA GLU A 109 13.41 29.05 2.82
C GLU A 109 14.11 30.05 1.91
N THR A 110 15.33 30.42 2.27
CA THR A 110 16.08 31.38 1.46
C THR A 110 16.38 30.80 0.08
N ASP A 111 16.76 29.53 0.04
CA ASP A 111 17.21 28.89 -1.19
C ASP A 111 16.09 28.44 -2.11
N PHE A 112 15.06 27.82 -1.54
CA PHE A 112 14.02 27.16 -2.32
C PHE A 112 12.62 27.64 -1.95
N GLY A 113 12.36 27.78 -0.66
CA GLY A 113 11.03 28.11 -0.17
C GLY A 113 10.65 27.18 0.98
N THR A 114 9.37 26.87 1.11
CA THR A 114 8.90 26.06 2.22
C THR A 114 8.43 24.66 1.79
N CYS A 115 8.47 23.75 2.75
CA CYS A 115 8.24 22.33 2.54
C CYS A 115 6.89 22.04 1.89
N ASP A 116 6.88 21.15 0.91
CA ASP A 116 5.65 20.50 0.41
C ASP A 116 5.54 19.06 0.85
N ILE A 117 6.63 18.32 0.72
CA ILE A 117 6.66 16.89 1.03
C ILE A 117 7.86 16.64 1.93
N LEU A 118 7.63 15.98 3.04
CA LEU A 118 8.69 15.61 3.98
C LEU A 118 8.86 14.12 4.00
N ILE A 119 10.09 13.65 3.77
CA ILE A 119 10.44 12.25 3.86
C ILE A 119 11.42 12.08 5.01
N ASN A 120 10.95 11.46 6.10
CA ASN A 120 11.75 11.24 7.28
C ASN A 120 12.56 9.95 7.11
N GLY A 121 13.73 10.08 6.51
CA GLY A 121 14.58 8.96 6.20
C GLY A 121 15.67 8.67 7.20
N ALA A 122 15.95 9.61 8.12
CA ALA A 122 16.95 9.36 9.14
C ALA A 122 16.51 8.18 10.02
N GLY A 123 17.45 7.29 10.31
CA GLY A 123 17.11 6.12 11.09
C GLY A 123 18.26 5.14 11.08
N GLY A 124 18.07 4.04 11.79
CA GLY A 124 19.09 3.00 11.86
C GLY A 124 19.31 2.40 13.23
N ASN A 125 20.09 1.31 13.24
CA ASN A 125 20.40 0.57 14.46
C ASN A 125 21.75 0.95 15.04
N ASN A 126 22.10 0.34 16.16
CA ASN A 126 23.38 0.55 16.84
C ASN A 126 23.83 -0.80 17.39
N PRO A 127 25.12 -1.16 17.21
CA PRO A 127 25.59 -2.46 17.72
C PRO A 127 25.40 -2.65 19.24
N LYS A 128 25.44 -1.59 20.02
CA LYS A 128 25.29 -1.73 21.48
C LYS A 128 23.87 -2.12 21.88
N ALA A 129 22.93 -1.99 20.94
CA ALA A 129 21.53 -2.36 21.16
C ALA A 129 21.17 -3.66 20.44
N THR A 130 22.20 -4.43 20.05
CA THR A 130 22.04 -5.67 19.31
C THR A 130 22.73 -6.82 20.05
N THR A 131 22.11 -8.00 20.05
CA THR A 131 22.76 -9.19 20.59
C THR A 131 23.51 -9.95 19.49
N ASP A 132 24.41 -10.83 19.92
CA ASP A 132 25.12 -11.70 18.99
C ASP A 132 24.32 -12.96 18.70
N ASN A 133 23.51 -13.36 19.68
CA ASN A 133 22.76 -14.62 19.64
C ASN A 133 21.27 -14.41 19.41
N GLU A 134 20.66 -15.29 18.63
CA GLU A 134 19.21 -15.18 18.39
C GLU A 134 18.41 -15.59 19.60
N PHE A 135 18.89 -16.59 20.35
CA PHE A 135 18.17 -16.97 21.55
C PHE A 135 19.12 -17.34 22.64
N HIS A 136 18.66 -17.18 23.87
CA HIS A 136 19.50 -17.52 24.99
C HIS A 136 19.72 -19.01 25.09
N GLN A 137 20.88 -19.39 25.64
CA GLN A 137 21.20 -20.78 25.93
C GLN A 137 22.01 -20.79 27.19
N PHE A 138 22.12 -21.95 27.80
CA PHE A 138 22.98 -22.09 28.95
C PHE A 138 24.42 -22.29 28.46
N ASP A 139 25.41 -21.89 29.24
CA ASP A 139 26.80 -22.10 28.86
C ASP A 139 27.16 -21.48 27.49
N LEU A 140 26.69 -20.27 27.21
CA LEU A 140 27.22 -19.46 26.12
C LEU A 140 28.60 -19.01 26.57
N ASN A 141 29.55 -18.83 25.66
CA ASN A 141 30.85 -18.37 26.10
C ASN A 141 30.81 -16.87 26.42
N GLU A 142 31.75 -16.47 27.27
CA GLU A 142 31.83 -15.11 27.81
C GLU A 142 31.83 -14.02 26.76
N THR A 143 32.32 -14.35 25.58
CA THR A 143 32.51 -13.38 24.51
C THR A 143 31.18 -12.96 23.87
N THR A 144 30.18 -13.86 23.91
CA THR A 144 28.90 -13.57 23.25
C THR A 144 28.18 -12.42 23.95
N ARG A 145 27.79 -11.42 23.17
CA ARG A 145 26.97 -10.31 23.65
C ARG A 145 25.51 -10.74 23.66
N THR A 146 24.96 -10.94 24.86
CA THR A 146 23.62 -11.47 25.01
C THR A 146 22.64 -10.35 25.32
N PHE A 147 21.39 -10.74 25.57
CA PHE A 147 20.39 -9.77 26.02
C PHE A 147 20.89 -9.01 27.26
N PHE A 148 21.61 -9.70 28.12
CA PHE A 148 22.04 -9.12 29.38
C PHE A 148 23.16 -8.10 29.22
N ASP A 149 23.76 -8.06 28.04
CA ASP A 149 24.82 -7.13 27.74
C ASP A 149 24.36 -5.87 26.98
N LEU A 150 23.08 -5.78 26.63
CA LEU A 150 22.58 -4.64 25.89
C LEU A 150 22.75 -3.38 26.73
N ASP A 151 23.23 -2.33 26.10
CA ASP A 151 23.59 -1.12 26.80
C ASP A 151 22.47 -0.09 26.78
N LYS A 152 22.19 0.49 27.92
CA LYS A 152 21.14 1.52 28.01
C LYS A 152 21.35 2.68 27.02
N SER A 153 22.57 3.16 26.87
CA SER A 153 22.78 4.32 26.01
C SER A 153 22.59 3.95 24.55
N GLY A 154 22.95 2.72 24.18
CA GLY A 154 22.72 2.26 22.81
C GLY A 154 21.24 2.15 22.51
N ILE A 155 20.47 1.61 23.45
CA ILE A 155 19.01 1.53 23.29
C ILE A 155 18.39 2.93 23.16
N GLU A 156 18.83 3.85 24.01
CA GLU A 156 18.36 5.24 23.94
C GLU A 156 18.68 5.85 22.58
N PHE A 157 19.90 5.63 22.10
CA PHE A 157 20.32 6.15 20.79
C PHE A 157 19.36 5.71 19.67
N VAL A 158 19.00 4.41 19.66
CA VAL A 158 18.16 3.87 18.62
C VAL A 158 16.76 4.47 18.69
N PHE A 159 16.20 4.57 19.88
CA PHE A 159 14.88 5.17 20.00
C PHE A 159 14.88 6.67 19.68
N ASN A 160 15.92 7.39 20.09
CA ASN A 160 16.01 8.80 19.79
C ASN A 160 16.02 9.01 18.29
N LEU A 161 16.91 8.29 17.60
CA LEU A 161 17.11 8.55 16.18
C LEU A 161 15.87 8.16 15.36
N ASN A 162 15.27 7.02 15.68
CA ASN A 162 14.19 6.49 14.86
C ASN A 162 12.80 7.03 15.18
N TYR A 163 12.61 7.64 16.34
CA TYR A 163 11.30 8.21 16.68
C TYR A 163 11.41 9.75 16.78
N LEU A 164 12.16 10.29 17.74
CA LEU A 164 12.33 11.74 17.80
C LEU A 164 12.99 12.29 16.53
N GLY A 165 13.82 11.49 15.88
CA GLY A 165 14.47 11.94 14.66
C GLY A 165 13.51 12.13 13.50
N SER A 166 12.31 11.56 13.63
CA SER A 166 11.20 11.87 12.73
C SER A 166 10.26 12.95 13.27
N LEU A 167 9.95 12.86 14.57
CA LEU A 167 9.02 13.80 15.17
C LEU A 167 9.54 15.25 15.14
N LEU A 168 10.83 15.48 15.44
CA LEU A 168 11.28 16.88 15.55
C LEU A 168 11.29 17.58 14.17
N PRO A 169 11.81 16.92 13.11
CA PRO A 169 11.68 17.58 11.79
C PRO A 169 10.23 17.74 11.35
N THR A 170 9.36 16.81 11.74
CA THR A 170 7.96 16.99 11.40
C THR A 170 7.38 18.20 12.12
N GLN A 171 7.77 18.43 13.37
CA GLN A 171 7.31 19.66 14.01
C GLN A 171 7.76 20.91 13.26
N VAL A 172 9.00 20.94 12.79
CA VAL A 172 9.50 22.13 12.12
C VAL A 172 8.86 22.30 10.74
N PHE A 173 8.85 21.26 9.93
CA PHE A 173 8.42 21.43 8.55
C PHE A 173 6.90 21.32 8.33
N ALA A 174 6.17 20.57 9.16
CA ALA A 174 4.73 20.53 8.98
C ALA A 174 4.09 21.88 9.24
N LYS A 175 4.72 22.70 10.08
CA LYS A 175 4.24 24.05 10.32
C LYS A 175 4.12 24.79 8.99
N ASP A 176 5.05 24.55 8.09
CA ASP A 176 5.10 25.23 6.80
C ASP A 176 4.20 24.59 5.76
N MSE A 177 3.90 23.31 5.96
N MSE A 177 3.92 23.30 5.95
CA MSE A 177 3.07 22.59 5.02
CA MSE A 177 3.06 22.56 5.04
C MSE A 177 1.59 22.93 5.20
C MSE A 177 1.61 22.97 5.18
O MSE A 177 0.79 22.71 4.29
O MSE A 177 0.84 22.86 4.24
CB MSE A 177 3.32 21.11 5.19
CB MSE A 177 3.22 21.04 5.26
CG MSE A 177 4.78 20.74 4.85
CG MSE A 177 4.28 20.43 4.33
SE MSE A 177 5.34 19.00 5.50
SE MSE A 177 4.67 18.52 4.48
CE MSE A 177 3.59 18.40 5.82
CE MSE A 177 5.60 18.49 6.19
H MSE A 177 4.17 22.85 6.62
H MSE A 177 4.23 22.82 6.60
HA MSE A 177 3.32 22.84 4.12
HA MSE A 177 3.34 22.75 4.12
HB2 MSE A 177 3.15 20.86 6.12
HB2 MSE A 177 3.48 20.86 6.17
HB3 MSE A 177 2.73 20.62 4.60
HB3 MSE A 177 2.37 20.60 5.07
HG2 MSE A 177 4.88 20.74 3.89
HG2 MSE A 177 4.01 20.59 3.41
HG3 MSE A 177 5.36 21.41 5.24
HG3 MSE A 177 5.12 20.90 4.49
HE1 MSE A 177 3.63 17.50 6.18
HE1 MSE A 177 5.86 17.58 6.39
HE2 MSE A 177 3.16 18.99 6.47
HE2 MSE A 177 6.39 19.05 6.13
HE3 MSE A 177 3.09 18.41 4.98
HE3 MSE A 177 5.01 18.84 6.88
N LEU A 178 1.23 23.47 6.36
CA LEU A 178 -0.14 23.84 6.63
C LEU A 178 -0.62 24.87 5.61
N GLY A 179 -1.77 24.57 5.01
CA GLY A 179 -2.36 25.42 4.00
C GLY A 179 -1.93 25.11 2.58
N LYS A 180 -1.01 24.16 2.40
CA LYS A 180 -0.52 23.81 1.06
C LYS A 180 -1.15 22.56 0.48
N GLN A 181 -1.89 22.72 -0.60
CA GLN A 181 -2.53 21.59 -1.25
C GLN A 181 -1.50 20.51 -1.62
N GLY A 182 -1.81 19.28 -1.25
CA GLY A 182 -1.01 18.13 -1.62
C GLY A 182 0.13 17.82 -0.69
N ALA A 183 0.30 18.61 0.37
CA ALA A 183 1.36 18.34 1.35
C ALA A 183 1.20 17.01 2.04
N ASN A 184 2.31 16.33 2.28
CA ASN A 184 2.22 15.05 2.97
C ASN A 184 3.56 14.65 3.53
N ILE A 185 3.53 13.69 4.45
CA ILE A 185 4.67 13.22 5.21
C ILE A 185 4.84 11.74 4.94
N ILE A 186 6.07 11.32 4.71
CA ILE A 186 6.43 9.90 4.61
C ILE A 186 7.39 9.53 5.72
N ASN A 187 7.03 8.50 6.48
CA ASN A 187 7.96 7.88 7.40
C ASN A 187 8.47 6.57 6.82
N ILE A 188 9.61 6.09 7.32
CA ILE A 188 10.13 4.80 6.89
C ILE A 188 10.13 3.85 8.07
N SER A 189 9.31 2.81 7.97
CA SER A 189 9.20 1.79 8.98
C SER A 189 10.04 0.58 8.55
N SER A 190 9.62 -0.63 8.89
CA SER A 190 10.43 -1.82 8.68
C SER A 190 9.58 -3.08 8.92
N MSE A 191 10.00 -4.22 8.36
CA MSE A 191 9.45 -5.53 8.77
C MSE A 191 9.44 -5.75 10.26
O MSE A 191 8.54 -6.43 10.78
CB MSE A 191 10.26 -6.67 8.17
CG MSE A 191 10.30 -6.64 6.71
SE MSE A 191 8.61 -7.17 5.98
CE MSE A 191 7.48 -5.42 6.02
H MSE A 191 10.59 -4.27 7.75
HA MSE A 191 8.55 -5.61 8.44
HB2 MSE A 191 11.18 -6.62 8.49
HB3 MSE A 191 9.87 -7.51 8.44
HG2 MSE A 191 10.49 -5.74 6.41
HG3 MSE A 191 10.98 -7.26 6.38
HE1 MSE A 191 6.59 -5.60 5.67
HE2 MSE A 191 7.40 -5.12 6.94
HE3 MSE A 191 7.91 -4.74 5.49
N ASN A 192 10.47 -5.24 10.91
CA ASN A 192 10.67 -5.50 12.31
C ASN A 192 9.62 -4.78 13.17
N ALA A 193 8.80 -3.91 12.57
CA ALA A 193 7.72 -3.24 13.25
C ALA A 193 6.50 -4.12 13.40
N PHE A 194 6.33 -5.08 12.47
CA PHE A 194 5.18 -5.99 12.47
C PHE A 194 5.34 -7.11 13.50
N THR A 195 6.40 -7.90 13.37
CA THR A 195 6.85 -8.77 14.45
C THR A 195 8.35 -8.55 14.48
N PRO A 196 8.92 -8.53 15.68
CA PRO A 196 10.33 -8.17 15.78
C PRO A 196 11.24 -9.22 15.19
N LEU A 197 12.42 -8.78 14.81
CA LEU A 197 13.44 -9.69 14.35
C LEU A 197 14.39 -10.07 15.47
N THR A 198 14.98 -11.24 15.35
CA THR A 198 15.93 -11.67 16.38
C THR A 198 17.10 -10.70 16.41
N LYS A 199 17.67 -10.59 17.61
CA LYS A 199 18.92 -9.86 17.91
C LYS A 199 18.80 -8.34 18.01
N ILE A 200 17.69 -7.78 17.53
CA ILE A 200 17.59 -6.32 17.38
C ILE A 200 16.35 -5.75 18.09
N PRO A 201 16.30 -5.87 19.42
CA PRO A 201 15.07 -5.47 20.13
C PRO A 201 14.78 -3.97 20.02
N ALA A 202 15.78 -3.14 20.18
CA ALA A 202 15.50 -1.71 20.24
C ALA A 202 15.05 -1.19 18.89
N TYR A 203 15.72 -1.64 17.83
CA TYR A 203 15.40 -1.16 16.50
C TYR A 203 13.98 -1.62 16.12
N SER A 204 13.65 -2.88 16.46
CA SER A 204 12.31 -3.40 16.23
C SER A 204 11.28 -2.57 17.00
N GLY A 205 11.55 -2.27 18.27
CA GLY A 205 10.62 -1.50 19.06
C GLY A 205 10.43 -0.08 18.56
N ALA A 206 11.54 0.54 18.15
CA ALA A 206 11.49 1.90 17.70
C ALA A 206 10.73 1.99 16.37
N LYS A 207 10.87 0.98 15.51
CA LYS A 207 10.13 1.04 14.26
C LYS A 207 8.64 0.71 14.49
N ALA A 208 8.33 -0.17 15.43
CA ALA A 208 6.92 -0.33 15.85
C ALA A 208 6.35 1.02 16.29
N ALA A 209 7.15 1.78 17.03
CA ALA A 209 6.71 3.11 17.50
C ALA A 209 6.51 4.06 16.32
N ILE A 210 7.37 4.04 15.30
CA ILE A 210 7.18 4.99 14.18
C ILE A 210 6.01 4.56 13.30
N SER A 211 5.70 3.27 13.23
CA SER A 211 4.49 2.83 12.54
C SER A 211 3.27 3.42 13.24
N ASN A 212 3.28 3.34 14.56
CA ASN A 212 2.22 3.89 15.39
C ASN A 212 2.11 5.42 15.20
N PHE A 213 3.22 6.11 15.23
CA PHE A 213 3.26 7.57 15.04
C PHE A 213 2.72 7.98 13.68
N THR A 214 3.00 7.20 12.65
CA THR A 214 2.48 7.44 11.30
C THR A 214 0.95 7.51 11.36
N GLN A 215 0.35 6.54 12.03
CA GLN A 215 -1.11 6.55 12.18
C GLN A 215 -1.55 7.76 13.02
N TRP A 216 -0.82 8.07 14.09
CA TRP A 216 -1.20 9.18 14.94
C TRP A 216 -1.19 10.50 14.15
N LEU A 217 -0.15 10.71 13.36
CA LEU A 217 -0.02 11.94 12.57
C LEU A 217 -1.10 12.04 11.53
N ALA A 218 -1.37 10.92 10.87
CA ALA A 218 -2.44 10.88 9.87
C ALA A 218 -3.74 11.37 10.49
N VAL A 219 -4.05 10.92 11.69
CA VAL A 219 -5.27 11.35 12.35
C VAL A 219 -5.18 12.81 12.79
N TYR A 220 -4.04 13.21 13.36
CA TYR A 220 -3.91 14.55 13.91
C TYR A 220 -4.07 15.62 12.82
N PHE A 221 -3.55 15.36 11.63
CA PHE A 221 -3.58 16.34 10.55
C PHE A 221 -4.72 16.10 9.56
N SER A 222 -5.66 15.22 9.91
CA SER A 222 -6.69 14.78 8.98
C SER A 222 -7.75 15.81 8.64
N LYS A 223 -7.87 16.89 9.41
CA LYS A 223 -8.85 17.92 9.07
C LYS A 223 -8.21 19.15 8.49
N VAL A 224 -6.89 19.11 8.24
CA VAL A 224 -6.22 20.25 7.61
C VAL A 224 -5.42 19.86 6.36
N GLY A 225 -5.58 18.64 5.87
CA GLY A 225 -5.05 18.31 4.56
C GLY A 225 -3.58 17.90 4.45
N ILE A 226 -3.00 17.35 5.50
CA ILE A 226 -1.64 16.80 5.42
C ILE A 226 -1.71 15.31 5.69
N ARG A 227 -1.54 14.50 4.66
CA ARG A 227 -1.53 13.05 4.81
C ARG A 227 -0.20 12.58 5.43
N CYS A 228 -0.25 11.47 6.13
CA CYS A 228 0.96 10.82 6.62
C CYS A 228 0.85 9.33 6.37
N ASN A 229 1.88 8.78 5.73
CA ASN A 229 1.95 7.36 5.41
C ASN A 229 3.37 6.88 5.62
N ALA A 230 3.54 5.55 5.66
CA ALA A 230 4.88 4.98 5.77
C ALA A 230 5.08 3.87 4.78
N ILE A 231 6.33 3.71 4.38
CA ILE A 231 6.78 2.55 3.62
C ILE A 231 7.53 1.67 4.60
N ALA A 232 7.27 0.37 4.57
CA ALA A 232 8.00 -0.64 5.37
C ALA A 232 8.78 -1.50 4.39
N PRO A 233 10.02 -1.11 4.07
CA PRO A 233 10.82 -1.95 3.18
C PRO A 233 11.08 -3.29 3.84
N GLY A 234 11.12 -4.35 3.05
CA GLY A 234 11.52 -5.64 3.54
C GLY A 234 13.03 -5.71 3.55
N PHE A 235 13.56 -6.83 3.09
CA PHE A 235 14.99 -7.06 3.16
C PHE A 235 15.60 -6.73 1.83
N LEU A 236 16.42 -5.69 1.82
CA LEU A 236 17.01 -5.18 0.60
C LEU A 236 18.50 -5.39 0.55
N VAL A 237 19.02 -5.48 -0.66
CA VAL A 237 20.45 -5.63 -0.88
C VAL A 237 20.97 -4.39 -1.56
N SER A 238 22.21 -4.02 -1.20
CA SER A 238 22.89 -2.84 -1.71
C SER A 238 24.38 -3.12 -1.81
N ASN A 239 25.11 -2.21 -2.42
CA ASN A 239 26.55 -2.36 -2.51
C ASN A 239 27.17 -2.38 -1.11
N GLN A 240 26.56 -1.61 -0.22
CA GLN A 240 27.04 -1.44 1.15
C GLN A 240 26.82 -2.66 2.03
N ASN A 241 25.78 -3.46 1.78
CA ASN A 241 25.55 -4.64 2.62
C ASN A 241 25.73 -5.97 1.91
N LEU A 242 26.14 -5.95 0.64
CA LEU A 242 26.30 -7.20 -0.10
C LEU A 242 27.24 -8.14 0.61
N ALA A 243 28.34 -7.59 1.12
CA ALA A 243 29.37 -8.39 1.75
C ALA A 243 29.01 -8.75 3.19
N LEU A 244 27.81 -8.38 3.61
CA LEU A 244 27.29 -8.75 4.93
C LEU A 244 26.31 -9.91 4.78
N LEU A 245 25.74 -10.02 3.59
CA LEU A 245 24.72 -11.01 3.31
C LEU A 245 25.28 -12.26 2.67
N PHE A 246 26.46 -12.15 2.05
CA PHE A 246 27.01 -13.28 1.30
C PHE A 246 28.44 -13.63 1.68
N ASP A 247 28.92 -13.05 2.79
CA ASP A 247 30.20 -13.45 3.44
C ASP A 247 30.82 -14.73 2.91
N THR A 248 30.10 -15.83 3.12
CA THR A 248 30.46 -17.13 2.55
C THR A 248 30.64 -16.95 1.05
N GLU A 249 31.78 -16.35 0.68
CA GLU A 249 32.06 -15.84 -0.67
C GLU A 249 30.80 -15.32 -1.38
N GLY A 250 29.91 -16.23 -1.79
CA GLY A 250 28.73 -15.89 -2.56
C GLY A 250 27.56 -16.77 -2.16
N LYS A 251 27.80 -17.62 -1.15
CA LYS A 251 26.75 -18.35 -0.48
C LYS A 251 26.19 -17.43 0.60
N PRO A 252 24.87 -17.46 0.82
CA PRO A 252 24.35 -16.57 1.85
C PRO A 252 24.90 -16.88 3.25
N THR A 253 24.93 -15.88 4.11
CA THR A 253 25.20 -16.11 5.53
C THR A 253 24.02 -16.85 6.11
N ASP A 254 24.18 -17.35 7.33
CA ASP A 254 23.05 -18.02 7.97
C ASP A 254 21.84 -17.09 8.10
N ARG A 255 22.05 -15.82 8.48
CA ARG A 255 20.92 -14.90 8.57
C ARG A 255 20.29 -14.64 7.21
N ALA A 256 21.13 -14.49 6.19
CA ALA A 256 20.64 -14.27 4.84
C ALA A 256 19.78 -15.46 4.41
N ASN A 257 20.21 -16.67 4.73
N ASN A 257 20.22 -16.67 4.75
CA ASN A 257 19.41 -17.85 4.38
CA ASN A 257 19.44 -17.85 4.41
C ASN A 257 18.07 -17.87 5.12
C ASN A 257 18.08 -17.84 5.11
N LYS A 258 18.03 -17.40 6.38
CA LYS A 258 16.74 -17.28 7.08
C LYS A 258 15.83 -16.32 6.34
N ILE A 259 16.38 -15.19 5.94
CA ILE A 259 15.61 -14.20 5.22
C ILE A 259 15.06 -14.77 3.89
N LEU A 260 15.92 -15.39 3.10
CA LEU A 260 15.52 -15.86 1.80
C LEU A 260 14.49 -16.98 1.91
N THR A 261 14.64 -17.86 2.91
CA THR A 261 13.72 -18.97 3.03
C THR A 261 12.37 -18.50 3.55
N ASN A 262 12.30 -17.33 4.19
CA ASN A 262 11.04 -16.82 4.71
C ASN A 262 10.47 -15.70 3.85
N THR A 263 11.10 -15.45 2.69
CA THR A 263 10.58 -14.51 1.70
C THR A 263 10.02 -15.33 0.55
N PRO A 264 8.70 -15.28 0.32
CA PRO A 264 8.11 -16.08 -0.76
C PRO A 264 8.81 -15.90 -2.11
N MSE A 265 9.15 -14.66 -2.47
CA MSE A 265 9.78 -14.43 -3.77
C MSE A 265 11.26 -14.85 -3.79
O MSE A 265 11.90 -14.82 -4.85
CB MSE A 265 9.62 -12.97 -4.15
CG MSE A 265 8.17 -12.66 -4.54
SE MSE A 265 7.87 -10.85 -5.12
CE MSE A 265 8.92 -10.90 -6.75
H MSE A 265 9.02 -13.96 -2.00
HA MSE A 265 9.31 -14.95 -4.43
HB2 MSE A 265 9.86 -12.40 -3.40
HB3 MSE A 265 10.19 -12.77 -4.92
HG2 MSE A 265 7.92 -13.25 -5.27
HG3 MSE A 265 7.60 -12.82 -3.78
HE1 MSE A 265 8.88 -10.03 -7.18
HE2 MSE A 265 9.84 -11.11 -6.53
HE3 MSE A 265 8.56 -11.58 -7.33
N GLY A 266 11.80 -15.25 -2.63
CA GLY A 266 13.09 -15.94 -2.58
C GLY A 266 14.31 -15.11 -2.98
N ARG A 267 14.24 -13.81 -2.74
CA ARG A 267 15.31 -12.90 -3.09
C ARG A 267 15.23 -11.66 -2.21
N PHE A 268 16.32 -10.93 -2.18
CA PHE A 268 16.33 -9.59 -1.60
C PHE A 268 15.72 -8.59 -2.57
N GLY A 269 15.18 -7.51 -2.01
CA GLY A 269 14.69 -6.43 -2.83
C GLY A 269 15.84 -5.49 -3.18
N GLU A 270 15.59 -4.63 -4.17
CA GLU A 270 16.56 -3.61 -4.58
C GLU A 270 16.01 -2.23 -4.28
N SER A 271 16.90 -1.25 -4.12
CA SER A 271 16.47 0.12 -3.82
C SER A 271 15.44 0.65 -4.84
N GLU A 272 15.64 0.32 -6.10
CA GLU A 272 14.73 0.69 -7.21
C GLU A 272 13.28 0.25 -6.96
N GLU A 273 13.13 -0.85 -6.24
CA GLU A 273 11.80 -1.42 -6.01
C GLU A 273 11.02 -0.72 -4.87
N LEU A 274 11.60 0.31 -4.24
CA LEU A 274 10.86 1.19 -3.34
C LEU A 274 10.32 2.45 -4.00
N LEU A 275 10.80 2.75 -5.20
CA LEU A 275 10.46 4.04 -5.82
C LEU A 275 8.98 4.15 -6.15
N GLY A 276 8.41 3.10 -6.73
CA GLY A 276 7.00 3.12 -7.06
C GLY A 276 6.10 3.45 -5.87
N ALA A 277 6.36 2.79 -4.76
CA ALA A 277 5.58 3.02 -3.56
C ALA A 277 5.68 4.46 -3.08
N LEU A 278 6.90 5.00 -3.13
CA LEU A 278 7.14 6.36 -2.72
C LEU A 278 6.36 7.35 -3.62
N LEU A 279 6.45 7.16 -4.93
CA LEU A 279 5.76 8.04 -5.86
C LEU A 279 4.24 7.95 -5.68
N PHE A 280 3.75 6.71 -5.53
CA PHE A 280 2.34 6.48 -5.25
C PHE A 280 1.87 7.30 -4.05
N LEU A 281 2.59 7.19 -2.93
CA LEU A 281 2.14 7.82 -1.68
C LEU A 281 2.28 9.34 -1.67
N ILE A 282 3.27 9.91 -2.38
CA ILE A 282 3.47 11.36 -2.29
C ILE A 282 2.68 12.16 -3.31
N ASP A 283 2.13 11.49 -4.33
CA ASP A 283 1.39 12.14 -5.40
C ASP A 283 -0.11 12.09 -5.14
N GLU A 284 -0.71 13.24 -4.81
CA GLU A 284 -2.15 13.32 -4.55
C GLU A 284 -3.05 12.80 -5.66
N ASN A 285 -2.56 12.82 -6.91
CA ASN A 285 -3.35 12.28 -8.02
C ASN A 285 -3.52 10.76 -7.91
N TYR A 286 -2.58 10.12 -7.22
CA TYR A 286 -2.62 8.68 -7.01
C TYR A 286 -3.22 8.27 -5.67
N SER A 287 -3.02 9.08 -4.62
CA SER A 287 -3.27 8.59 -3.26
C SER A 287 -3.96 9.58 -2.35
N ALA A 288 -4.79 10.43 -2.91
CA ALA A 288 -5.49 11.45 -2.11
C ALA A 288 -6.26 10.91 -0.92
N PHE A 289 -6.80 9.70 -1.02
CA PHE A 289 -7.60 9.11 0.05
C PHE A 289 -6.83 8.00 0.78
N VAL A 290 -5.52 7.91 0.53
CA VAL A 290 -4.67 6.92 1.20
C VAL A 290 -3.94 7.61 2.35
N ASN A 291 -4.24 7.21 3.57
CA ASN A 291 -3.78 7.97 4.72
C ASN A 291 -3.65 7.05 5.91
N GLY A 292 -2.54 7.18 6.61
CA GLY A 292 -2.23 6.38 7.78
C GLY A 292 -1.84 4.95 7.48
N VAL A 293 -1.41 4.66 6.25
CA VAL A 293 -1.06 3.31 5.85
C VAL A 293 0.42 3.04 6.07
N VAL A 294 0.74 1.81 6.44
CA VAL A 294 2.11 1.36 6.49
C VAL A 294 2.21 0.29 5.41
N LEU A 295 2.88 0.62 4.30
CA LEU A 295 2.88 -0.19 3.09
C LEU A 295 4.11 -1.09 3.02
N PRO A 296 3.95 -2.42 3.15
CA PRO A 296 5.08 -3.33 3.03
C PRO A 296 5.56 -3.50 1.58
N VAL A 297 6.85 -3.39 1.36
CA VAL A 297 7.45 -3.65 0.06
C VAL A 297 8.49 -4.75 0.32
N ASP A 298 8.05 -5.99 0.28
CA ASP A 298 8.81 -7.03 0.98
C ASP A 298 8.82 -8.41 0.34
N GLY A 299 8.44 -8.50 -0.92
CA GLY A 299 8.49 -9.79 -1.61
C GLY A 299 7.57 -10.86 -1.05
N GLY A 300 6.57 -10.44 -0.27
CA GLY A 300 5.64 -11.38 0.35
C GLY A 300 5.99 -11.76 1.77
N PHE A 301 7.07 -11.23 2.33
CA PHE A 301 7.51 -11.64 3.67
C PHE A 301 6.39 -11.56 4.71
N SER A 302 5.67 -10.45 4.76
CA SER A 302 4.62 -10.27 5.76
C SER A 302 3.38 -11.16 5.53
N ALA A 303 3.27 -11.79 4.37
CA ALA A 303 2.15 -12.63 4.03
C ALA A 303 2.44 -14.12 4.25
N TYR A 304 3.59 -14.43 4.84
CA TYR A 304 4.05 -15.81 4.92
C TYR A 304 4.42 -16.15 6.34
N SER A 305 4.22 -17.40 6.77
CA SER A 305 4.69 -17.78 8.12
C SER A 305 5.67 -18.95 8.12
N GLY A 306 6.19 -19.27 6.96
CA GLY A 306 7.28 -20.22 6.87
C GLY A 306 6.83 -21.67 6.89
N VAL A 307 5.52 -21.88 6.86
CA VAL A 307 4.95 -23.22 6.86
C VAL A 307 4.01 -23.36 5.69
N ASN B 28 -4.99 11.92 -17.76
CA ASN B 28 -5.35 10.71 -17.04
C ASN B 28 -4.08 10.05 -16.55
N ILE B 29 -4.04 9.72 -15.28
CA ILE B 29 -2.83 9.11 -14.75
C ILE B 29 -2.66 7.71 -15.34
N ALA B 30 -3.72 7.07 -15.79
CA ALA B 30 -3.56 5.74 -16.38
C ALA B 30 -2.69 5.78 -17.64
N ALA B 31 -2.66 6.92 -18.32
CA ALA B 31 -1.84 7.05 -19.51
C ALA B 31 -0.33 6.99 -19.19
N ASN B 32 0.02 7.09 -17.91
CA ASN B 32 1.40 6.98 -17.44
C ASN B 32 1.92 5.56 -17.50
N HIS B 33 1.00 4.60 -17.64
CA HIS B 33 1.35 3.20 -17.48
C HIS B 33 1.09 2.44 -18.80
N ASN B 34 2.16 2.07 -19.48
CA ASN B 34 2.03 1.47 -20.81
C ASN B 34 1.82 -0.03 -20.67
N LEU B 35 0.58 -0.46 -20.89
CA LEU B 35 0.25 -1.86 -20.86
C LEU B 35 -0.22 -2.32 -22.23
N GLU B 36 0.33 -1.70 -23.28
CA GLU B 36 -0.07 -2.05 -24.63
C GLU B 36 0.22 -3.53 -24.86
N ASN B 37 -0.76 -4.18 -25.51
CA ASN B 37 -0.68 -5.59 -25.89
C ASN B 37 -0.81 -6.54 -24.72
N LYS B 38 -1.05 -6.00 -23.54
CA LYS B 38 -1.42 -6.83 -22.41
C LYS B 38 -2.94 -6.95 -22.33
N LEU B 39 -3.40 -8.06 -21.77
CA LEU B 39 -4.83 -8.30 -21.58
C LEU B 39 -5.19 -8.23 -20.12
N ILE B 40 -6.09 -7.32 -19.79
CA ILE B 40 -6.68 -7.21 -18.46
C ILE B 40 -8.05 -7.83 -18.48
N ILE B 41 -8.26 -8.83 -17.62
CA ILE B 41 -9.55 -9.47 -17.45
C ILE B 41 -10.16 -8.96 -16.15
N ILE B 42 -11.34 -8.36 -16.25
CA ILE B 42 -12.02 -7.75 -15.13
C ILE B 42 -13.38 -8.42 -14.91
N THR B 43 -13.59 -9.05 -13.77
CA THR B 43 -14.90 -9.61 -13.46
C THR B 43 -15.74 -8.60 -12.66
N GLY B 44 -17.06 -8.79 -12.70
CA GLY B 44 -17.98 -7.78 -12.17
C GLY B 44 -17.85 -6.44 -12.85
N ALA B 45 -17.50 -6.46 -14.14
CA ALA B 45 -17.10 -5.27 -14.89
C ALA B 45 -18.24 -4.27 -15.08
N GLY B 46 -19.48 -4.74 -14.95
CA GLY B 46 -20.65 -3.88 -15.09
C GLY B 46 -20.99 -3.11 -13.83
N GLY B 47 -20.29 -3.42 -12.74
CA GLY B 47 -20.56 -2.79 -11.45
C GLY B 47 -20.02 -1.38 -11.37
N VAL B 48 -20.37 -0.68 -10.31
CA VAL B 48 -20.02 0.72 -10.16
C VAL B 48 -18.52 0.99 -10.18
N LEU B 49 -17.79 0.35 -9.27
CA LEU B 49 -16.34 0.57 -9.16
C LEU B 49 -15.61 0.06 -10.39
N CYS B 50 -15.92 -1.16 -10.80
CA CYS B 50 -15.14 -1.78 -11.86
C CYS B 50 -15.43 -1.14 -13.20
N SER B 51 -16.65 -0.65 -13.42
CA SER B 51 -16.91 -0.04 -14.71
C SER B 51 -16.11 1.27 -14.81
N PHE B 52 -16.07 2.05 -13.72
CA PHE B 52 -15.27 3.25 -13.70
C PHE B 52 -13.81 2.92 -13.95
N LEU B 53 -13.29 1.96 -13.20
CA LEU B 53 -11.88 1.61 -13.28
C LEU B 53 -11.51 1.05 -14.64
N ALA B 54 -12.40 0.21 -15.21
CA ALA B 54 -12.17 -0.35 -16.54
C ALA B 54 -12.01 0.75 -17.58
N LYS B 55 -12.86 1.78 -17.51
CA LYS B 55 -12.80 2.86 -18.47
C LYS B 55 -11.48 3.62 -18.36
N GLN B 56 -10.95 3.78 -17.14
CA GLN B 56 -9.67 4.44 -16.98
C GLN B 56 -8.52 3.57 -17.44
N LEU B 57 -8.59 2.27 -17.14
CA LEU B 57 -7.54 1.36 -17.56
C LEU B 57 -7.38 1.26 -19.08
N ALA B 58 -8.43 1.58 -19.82
CA ALA B 58 -8.32 1.63 -21.28
C ALA B 58 -7.19 2.56 -21.74
N TYR B 59 -6.89 3.60 -20.96
CA TYR B 59 -5.86 4.55 -21.34
C TYR B 59 -4.44 4.00 -21.14
N THR B 60 -4.30 2.82 -20.50
CA THR B 60 -3.00 2.15 -20.46
C THR B 60 -2.66 1.49 -21.81
N LYS B 61 -3.66 1.45 -22.71
CA LYS B 61 -3.62 0.81 -24.03
C LYS B 61 -3.72 -0.71 -23.95
N ALA B 62 -4.02 -1.23 -22.75
CA ALA B 62 -4.30 -2.64 -22.62
C ALA B 62 -5.57 -3.04 -23.36
N ASN B 63 -5.64 -4.30 -23.76
CA ASN B 63 -6.90 -4.92 -24.13
C ASN B 63 -7.69 -5.24 -22.87
N ILE B 64 -8.98 -4.95 -22.87
CA ILE B 64 -9.81 -5.18 -21.68
C ILE B 64 -10.99 -6.12 -21.95
N ALA B 65 -11.03 -7.23 -21.21
CA ALA B 65 -12.16 -8.14 -21.28
C ALA B 65 -13.02 -7.90 -20.05
N LEU B 66 -14.29 -7.64 -20.31
CA LEU B 66 -15.22 -7.23 -19.28
C LEU B 66 -16.21 -8.36 -19.03
N LEU B 67 -16.06 -9.02 -17.89
CA LEU B 67 -16.87 -10.19 -17.57
C LEU B 67 -17.93 -9.84 -16.55
N ASP B 68 -19.17 -10.20 -16.83
CA ASP B 68 -20.26 -9.91 -15.92
C ASP B 68 -21.43 -10.83 -16.21
N LEU B 69 -22.20 -11.15 -15.18
CA LEU B 69 -23.42 -11.92 -15.34
C LEU B 69 -24.42 -11.14 -16.19
N ASN B 70 -24.39 -9.83 -16.03
CA ASN B 70 -25.25 -8.89 -16.76
C ASN B 70 -24.52 -8.41 -18.01
N PHE B 71 -24.77 -9.06 -19.13
CA PHE B 71 -24.07 -8.72 -20.36
C PHE B 71 -24.29 -7.26 -20.76
N GLU B 72 -25.52 -6.78 -20.66
CA GLU B 72 -25.83 -5.42 -21.12
C GLU B 72 -25.02 -4.38 -20.36
N ALA B 73 -24.86 -4.60 -19.06
CA ALA B 73 -24.13 -3.68 -18.22
C ALA B 73 -22.66 -3.65 -18.62
N ALA B 74 -22.10 -4.82 -18.91
CA ALA B 74 -20.70 -4.88 -19.32
C ALA B 74 -20.54 -4.33 -20.73
N ASP B 75 -21.52 -4.59 -21.59
CA ASP B 75 -21.43 -4.14 -22.99
C ASP B 75 -21.48 -2.60 -23.05
N LYS B 76 -22.21 -1.97 -22.12
CA LYS B 76 -22.24 -0.50 -22.06
C LYS B 76 -20.84 0.03 -21.84
N VAL B 77 -20.10 -0.63 -20.95
CA VAL B 77 -18.75 -0.23 -20.62
C VAL B 77 -17.84 -0.47 -21.83
N ALA B 78 -18.04 -1.61 -22.50
CA ALA B 78 -17.21 -1.92 -23.65
C ALA B 78 -17.41 -0.87 -24.74
N LYS B 79 -18.65 -0.44 -24.94
CA LYS B 79 -18.92 0.56 -25.97
C LYS B 79 -18.25 1.89 -25.66
N GLU B 80 -18.32 2.30 -24.41
CA GLU B 80 -17.71 3.56 -23.99
C GLU B 80 -16.19 3.53 -24.19
N ILE B 81 -15.58 2.39 -23.87
CA ILE B 81 -14.14 2.23 -24.02
C ILE B 81 -13.76 2.30 -25.50
N ASN B 82 -14.46 1.54 -26.32
CA ASN B 82 -14.17 1.51 -27.76
C ASN B 82 -14.42 2.87 -28.41
N GLN B 83 -15.46 3.57 -27.96
CA GLN B 83 -15.76 4.89 -28.52
C GLN B 83 -14.66 5.90 -28.15
N SER B 84 -13.99 5.66 -27.02
CA SER B 84 -12.96 6.57 -26.51
C SER B 84 -11.58 6.26 -27.07
N GLY B 85 -11.50 5.28 -27.98
CA GLY B 85 -10.24 4.93 -28.62
C GLY B 85 -9.53 3.72 -28.04
N GLY B 86 -10.18 3.05 -27.10
CA GLY B 86 -9.60 1.86 -26.48
C GLY B 86 -10.03 0.56 -27.15
N LYS B 87 -9.68 -0.54 -26.48
CA LYS B 87 -9.96 -1.88 -27.00
C LYS B 87 -10.59 -2.73 -25.91
N ALA B 88 -11.87 -3.06 -26.08
CA ALA B 88 -12.58 -3.82 -25.06
C ALA B 88 -13.68 -4.68 -25.67
N LYS B 89 -14.08 -5.71 -24.93
CA LYS B 89 -15.21 -6.52 -25.30
C LYS B 89 -15.82 -7.08 -24.03
N ALA B 90 -17.16 -7.17 -24.02
CA ALA B 90 -17.88 -7.78 -22.90
C ALA B 90 -18.19 -9.27 -23.17
N TYR B 91 -18.22 -10.04 -22.09
CA TYR B 91 -18.49 -11.47 -22.11
C TYR B 91 -19.44 -11.80 -20.97
N LYS B 92 -20.62 -12.32 -21.28
CA LYS B 92 -21.52 -12.83 -20.26
C LYS B 92 -20.87 -14.01 -19.56
N THR B 93 -20.70 -13.89 -18.25
CA THR B 93 -19.97 -14.85 -17.45
C THR B 93 -20.62 -15.00 -16.08
N ASN B 94 -20.77 -16.22 -15.60
CA ASN B 94 -21.09 -16.48 -14.20
C ASN B 94 -19.83 -16.97 -13.49
N VAL B 95 -19.26 -16.15 -12.61
CA VAL B 95 -18.01 -16.51 -11.94
C VAL B 95 -18.14 -17.69 -10.98
N LEU B 96 -19.35 -18.17 -10.72
CA LEU B 96 -19.56 -19.33 -9.87
C LEU B 96 -19.65 -20.64 -10.66
N GLU B 97 -19.58 -20.56 -11.99
CA GLU B 97 -19.73 -21.73 -12.85
C GLU B 97 -18.46 -21.95 -13.64
N LEU B 98 -17.64 -22.86 -13.15
CA LEU B 98 -16.30 -23.06 -13.71
C LEU B 98 -16.33 -23.30 -15.21
N GLU B 99 -17.20 -24.18 -15.70
CA GLU B 99 -17.17 -24.47 -17.14
C GLU B 99 -17.66 -23.28 -17.97
N ASN B 100 -18.46 -22.38 -17.40
CA ASN B 100 -18.83 -21.18 -18.13
C ASN B 100 -17.62 -20.24 -18.25
N ILE B 101 -16.87 -20.10 -17.16
CA ILE B 101 -15.67 -19.30 -17.20
C ILE B 101 -14.68 -19.84 -18.24
N LYS B 102 -14.55 -21.17 -18.30
CA LYS B 102 -13.64 -21.79 -19.26
C LYS B 102 -14.09 -21.53 -20.70
N GLU B 103 -15.39 -21.57 -20.96
CA GLU B 103 -15.89 -21.22 -22.30
C GLU B 103 -15.54 -19.79 -22.62
N VAL B 104 -15.72 -18.90 -21.66
CA VAL B 104 -15.43 -17.48 -21.87
C VAL B 104 -13.93 -17.29 -22.12
N ARG B 105 -13.11 -17.98 -21.33
CA ARG B 105 -11.68 -17.93 -21.57
C ARG B 105 -11.30 -18.31 -23.02
N ASN B 106 -11.93 -19.33 -23.59
CA ASN B 106 -11.68 -19.69 -24.98
C ASN B 106 -12.11 -18.60 -25.96
N GLN B 107 -13.25 -17.95 -25.72
CA GLN B 107 -13.68 -16.85 -26.58
C GLN B 107 -12.70 -15.68 -26.50
N ILE B 108 -12.25 -15.37 -25.29
CA ILE B 108 -11.29 -14.29 -25.10
C ILE B 108 -9.99 -14.62 -25.84
N GLU B 109 -9.55 -15.89 -25.82
CA GLU B 109 -8.32 -16.26 -26.53
C GLU B 109 -8.45 -15.99 -28.01
N THR B 110 -9.63 -16.26 -28.57
CA THR B 110 -9.88 -15.97 -29.98
C THR B 110 -9.77 -14.47 -30.26
N ASP B 111 -10.32 -13.66 -29.38
CA ASP B 111 -10.46 -12.22 -29.59
C ASP B 111 -9.21 -11.43 -29.24
N PHE B 112 -8.54 -11.79 -28.15
CA PHE B 112 -7.46 -10.97 -27.60
C PHE B 112 -6.18 -11.73 -27.29
N GLY B 113 -6.33 -12.97 -26.83
CA GLY B 113 -5.21 -13.74 -26.34
C GLY B 113 -5.47 -14.22 -24.92
N THR B 114 -4.40 -14.43 -24.15
CA THR B 114 -4.53 -14.92 -22.79
C THR B 114 -4.17 -13.87 -21.74
N CYS B 115 -4.67 -14.11 -20.53
CA CYS B 115 -4.63 -13.14 -19.44
C CYS B 115 -3.22 -12.71 -19.06
N ASP B 116 -3.07 -11.42 -18.78
CA ASP B 116 -1.87 -10.89 -18.12
C ASP B 116 -2.17 -10.40 -16.71
N ILE B 117 -3.32 -9.76 -16.54
CA ILE B 117 -3.71 -9.17 -15.28
C ILE B 117 -5.16 -9.51 -15.06
N LEU B 118 -5.44 -10.09 -13.91
CA LEU B 118 -6.78 -10.48 -13.52
C LEU B 118 -7.22 -9.62 -12.37
N ILE B 119 -8.33 -8.92 -12.54
CA ILE B 119 -8.99 -8.15 -11.48
C ILE B 119 -10.32 -8.83 -11.13
N ASN B 120 -10.36 -9.39 -9.92
CA ASN B 120 -11.51 -10.12 -9.41
C ASN B 120 -12.45 -9.11 -8.74
N GLY B 121 -13.29 -8.47 -9.57
CA GLY B 121 -14.20 -7.44 -9.11
C GLY B 121 -15.58 -7.90 -8.72
N ALA B 122 -15.96 -9.09 -9.15
CA ALA B 122 -17.27 -9.61 -8.78
C ALA B 122 -17.35 -9.75 -7.26
N GLY B 123 -18.48 -9.35 -6.68
CA GLY B 123 -18.62 -9.40 -5.23
C GLY B 123 -19.80 -8.58 -4.78
N GLY B 124 -19.96 -8.48 -3.46
CA GLY B 124 -20.93 -7.58 -2.88
C GLY B 124 -21.81 -8.29 -1.88
N ASN B 125 -22.64 -7.49 -1.23
CA ASN B 125 -23.50 -7.93 -0.14
C ASN B 125 -24.92 -7.97 -0.62
N ASN B 126 -25.79 -8.62 0.15
CA ASN B 126 -27.21 -8.53 -0.12
C ASN B 126 -28.05 -8.60 1.16
N PRO B 127 -29.23 -7.92 1.16
CA PRO B 127 -30.17 -7.84 2.29
C PRO B 127 -30.46 -9.16 3.00
N LYS B 128 -30.44 -10.30 2.32
CA LYS B 128 -30.78 -11.55 3.00
C LYS B 128 -29.74 -11.94 4.04
N ALA B 129 -28.53 -11.40 3.92
CA ALA B 129 -27.49 -11.72 4.90
C ALA B 129 -27.15 -10.48 5.74
N THR B 130 -28.09 -9.54 5.80
CA THR B 130 -27.93 -8.29 6.54
C THR B 130 -29.01 -8.15 7.62
N THR B 131 -28.62 -7.78 8.85
CA THR B 131 -29.63 -7.48 9.87
C THR B 131 -30.15 -6.06 9.75
N ASP B 132 -31.32 -5.81 10.34
CA ASP B 132 -31.88 -4.46 10.43
C ASP B 132 -31.25 -3.70 11.58
N ASN B 133 -30.89 -4.44 12.63
CA ASN B 133 -30.41 -3.87 13.89
C ASN B 133 -28.91 -3.97 14.07
N GLU B 134 -28.28 -2.89 14.57
CA GLU B 134 -26.84 -2.90 14.83
C GLU B 134 -26.45 -3.89 15.91
N PHE B 135 -27.27 -3.95 16.95
CA PHE B 135 -27.02 -4.79 18.11
C PHE B 135 -28.31 -5.52 18.44
N HIS B 136 -28.22 -6.76 18.93
CA HIS B 136 -29.38 -7.33 19.57
C HIS B 136 -29.83 -6.48 20.76
N GLN B 137 -31.14 -6.46 20.98
CA GLN B 137 -31.72 -5.77 22.14
C GLN B 137 -32.86 -6.62 22.67
N PHE B 138 -33.26 -6.35 23.91
CA PHE B 138 -34.35 -7.07 24.56
C PHE B 138 -35.73 -6.55 24.10
N ASP B 139 -35.77 -5.38 23.48
CA ASP B 139 -37.04 -4.75 23.11
C ASP B 139 -37.23 -4.50 21.60
N LEU B 140 -36.79 -5.44 20.75
CA LEU B 140 -36.88 -5.22 19.31
C LEU B 140 -38.29 -5.47 18.79
N ASN B 141 -38.72 -4.66 17.83
CA ASN B 141 -39.98 -4.89 17.12
C ASN B 141 -39.96 -6.25 16.42
N GLU B 142 -41.10 -6.93 16.43
CA GLU B 142 -41.23 -8.27 15.85
C GLU B 142 -40.89 -8.33 14.36
N THR B 143 -41.00 -7.19 13.69
CA THR B 143 -40.72 -7.10 12.25
C THR B 143 -39.23 -6.99 11.94
N THR B 144 -38.45 -6.66 12.96
CA THR B 144 -37.01 -6.48 12.78
C THR B 144 -36.32 -7.80 12.37
N ARG B 145 -35.60 -7.77 11.25
CA ARG B 145 -34.74 -8.89 10.84
C ARG B 145 -33.46 -8.87 11.67
N THR B 146 -33.35 -9.83 12.58
CA THR B 146 -32.20 -9.89 13.47
C THR B 146 -31.22 -10.93 13.00
N PHE B 147 -30.16 -11.12 13.76
CA PHE B 147 -29.21 -12.19 13.49
C PHE B 147 -29.92 -13.54 13.38
N PHE B 148 -30.93 -13.74 14.20
CA PHE B 148 -31.62 -15.02 14.24
C PHE B 148 -32.48 -15.29 13.00
N ASP B 149 -32.69 -14.24 12.20
CA ASP B 149 -33.51 -14.33 11.01
C ASP B 149 -32.71 -14.51 9.72
N LEU B 150 -31.38 -14.51 9.81
CA LEU B 150 -30.55 -14.68 8.62
C LEU B 150 -30.63 -16.11 8.12
N ASP B 151 -30.96 -16.23 6.84
CA ASP B 151 -31.15 -17.51 6.19
C ASP B 151 -29.81 -18.11 5.80
N LYS B 152 -29.69 -19.42 5.95
CA LYS B 152 -28.50 -20.13 5.52
C LYS B 152 -28.17 -19.83 4.05
N SER B 153 -29.18 -19.84 3.18
CA SER B 153 -28.90 -19.65 1.75
C SER B 153 -28.38 -18.25 1.44
N GLY B 154 -28.83 -17.26 2.19
CA GLY B 154 -28.32 -15.90 2.06
C GLY B 154 -26.86 -15.78 2.43
N ILE B 155 -26.47 -16.47 3.51
CA ILE B 155 -25.08 -16.50 3.94
C ILE B 155 -24.23 -17.23 2.89
N GLU B 156 -24.70 -18.38 2.42
CA GLU B 156 -24.01 -19.12 1.37
C GLU B 156 -23.83 -18.26 0.13
N PHE B 157 -24.87 -17.54 -0.25
CA PHE B 157 -24.84 -16.70 -1.45
C PHE B 157 -23.68 -15.69 -1.38
N VAL B 158 -23.57 -15.03 -0.23
CA VAL B 158 -22.51 -14.04 -0.05
C VAL B 158 -21.12 -14.65 -0.06
N PHE B 159 -20.94 -15.77 0.62
CA PHE B 159 -19.62 -16.40 0.60
C PHE B 159 -19.26 -16.93 -0.75
N ASN B 160 -20.23 -17.52 -1.46
CA ASN B 160 -19.96 -18.04 -2.79
C ASN B 160 -19.49 -16.92 -3.68
N LEU B 161 -20.22 -15.82 -3.72
CA LEU B 161 -19.90 -14.76 -4.66
C LEU B 161 -18.56 -14.10 -4.36
N ASN B 162 -18.31 -13.83 -3.08
CA ASN B 162 -17.11 -13.08 -2.72
C ASN B 162 -15.84 -13.88 -2.52
N TYR B 163 -15.94 -15.21 -2.37
CA TYR B 163 -14.75 -16.02 -2.25
C TYR B 163 -14.61 -16.93 -3.47
N LEU B 164 -15.57 -17.84 -3.68
CA LEU B 164 -15.47 -18.72 -4.83
C LEU B 164 -15.55 -17.92 -6.12
N GLY B 165 -16.26 -16.77 -6.11
CA GLY B 165 -16.32 -15.98 -7.33
C GLY B 165 -15.01 -15.29 -7.71
N SER B 166 -14.04 -15.27 -6.79
CA SER B 166 -12.67 -14.88 -7.09
C SER B 166 -11.80 -16.13 -7.35
N LEU B 167 -11.97 -17.19 -6.55
CA LEU B 167 -11.15 -18.38 -6.70
C LEU B 167 -11.32 -19.08 -8.05
N LEU B 168 -12.56 -19.24 -8.52
CA LEU B 168 -12.78 -19.99 -9.74
C LEU B 168 -12.21 -19.24 -10.96
N PRO B 169 -12.45 -17.92 -11.12
CA PRO B 169 -11.76 -17.25 -12.24
C PRO B 169 -10.24 -17.28 -12.11
N THR B 170 -9.75 -17.22 -10.88
CA THR B 170 -8.31 -17.32 -10.68
C THR B 170 -7.81 -18.68 -11.18
N GLN B 171 -8.54 -19.76 -10.89
CA GLN B 171 -8.12 -21.07 -11.42
C GLN B 171 -8.04 -21.07 -12.94
N VAL B 172 -9.02 -20.48 -13.60
CA VAL B 172 -9.03 -20.52 -15.05
C VAL B 172 -7.96 -19.63 -15.66
N PHE B 173 -7.89 -18.37 -15.21
CA PHE B 173 -7.02 -17.42 -15.85
C PHE B 173 -5.57 -17.46 -15.35
N ALA B 174 -5.33 -17.84 -14.10
CA ALA B 174 -3.94 -17.91 -13.64
C ALA B 174 -3.19 -19.02 -14.36
N LYS B 175 -3.89 -20.04 -14.83
CA LYS B 175 -3.24 -21.09 -15.58
C LYS B 175 -2.54 -20.52 -16.81
N ASP B 176 -3.16 -19.51 -17.40
CA ASP B 176 -2.62 -18.89 -18.59
C ASP B 176 -1.54 -17.88 -18.28
N MSE B 177 -1.53 -17.38 -17.05
CA MSE B 177 -0.54 -16.40 -16.64
C MSE B 177 0.79 -17.00 -16.26
O MSE B 177 1.77 -16.29 -16.12
CB MSE B 177 -1.04 -15.56 -15.46
CG MSE B 177 -2.05 -14.51 -15.86
SE MSE B 177 -2.63 -13.29 -14.40
CE MSE B 177 -3.99 -14.40 -13.61
H MSE B 177 -2.09 -17.59 -16.43
HA MSE B 177 -0.39 -15.79 -17.38
HB2 MSE B 177 -1.46 -16.15 -14.82
HB3 MSE B 177 -0.29 -15.11 -15.05
HG2 MSE B 177 -1.68 -13.97 -16.56
HG3 MSE B 177 -2.85 -14.96 -16.19
HE1 MSE B 177 -4.39 -13.93 -12.86
HE2 MSE B 177 -4.68 -14.59 -14.28
HE3 MSE B 177 -3.59 -15.23 -13.31
N LEU B 178 0.83 -18.32 -16.08
CA LEU B 178 2.04 -18.95 -15.56
C LEU B 178 3.24 -18.62 -16.42
N GLY B 179 4.25 -18.01 -15.81
CA GLY B 179 5.49 -17.73 -16.50
C GLY B 179 5.58 -16.36 -17.13
N LYS B 180 4.42 -15.75 -17.38
CA LYS B 180 4.39 -14.47 -18.04
C LYS B 180 4.94 -13.33 -17.21
N GLN B 181 5.93 -12.65 -17.76
CA GLN B 181 6.50 -11.49 -17.10
C GLN B 181 5.42 -10.50 -16.77
N GLY B 182 5.34 -10.15 -15.49
CA GLY B 182 4.50 -9.07 -15.03
C GLY B 182 3.09 -9.47 -14.69
N ALA B 183 2.80 -10.77 -14.74
CA ALA B 183 1.46 -11.25 -14.47
C ALA B 183 1.08 -11.02 -13.02
N ASN B 184 -0.15 -10.61 -12.79
CA ASN B 184 -0.57 -10.46 -11.41
C ASN B 184 -2.08 -10.46 -11.27
N ILE B 185 -2.52 -10.68 -10.04
CA ILE B 185 -3.91 -10.82 -9.67
C ILE B 185 -4.22 -9.76 -8.65
N ILE B 186 -5.37 -9.10 -8.84
CA ILE B 186 -5.92 -8.14 -7.87
C ILE B 186 -7.25 -8.65 -7.32
N ASN B 187 -7.38 -8.76 -6.00
CA ASN B 187 -8.65 -8.98 -5.35
C ASN B 187 -9.14 -7.71 -4.68
N ILE B 188 -10.43 -7.67 -4.36
CA ILE B 188 -10.99 -6.49 -3.72
C ILE B 188 -11.48 -6.90 -2.35
N SER B 189 -10.86 -6.32 -1.33
CA SER B 189 -11.25 -6.59 0.05
C SER B 189 -12.14 -5.47 0.57
N SER B 190 -12.07 -5.19 1.86
CA SER B 190 -13.01 -4.27 2.50
C SER B 190 -12.51 -3.86 3.85
N MSE B 191 -13.01 -2.75 4.40
CA MSE B 191 -12.81 -2.46 5.84
C MSE B 191 -13.19 -3.63 6.73
O MSE B 191 -12.60 -3.80 7.79
CB MSE B 191 -13.61 -1.23 6.29
CG MSE B 191 -13.26 0.03 5.58
SE MSE B 191 -11.48 0.65 6.02
CE MSE B 191 -10.53 -0.27 4.62
H MSE B 191 -13.46 -2.16 3.98
HA MSE B 191 -11.87 -2.27 5.98
HB2 MSE B 191 -14.56 -1.40 6.14
HB3 MSE B 191 -13.46 -1.09 7.24
HG2 MSE B 191 -13.29 -0.13 4.62
HG3 MSE B 191 -13.89 0.72 5.82
HE1 MSE B 191 -9.58 -0.07 4.70
HE2 MSE B 191 -10.67 -1.23 4.72
HE3 MSE B 191 -10.87 0.03 3.76
N ASN B 192 -14.23 -4.38 6.36
CA ASN B 192 -14.69 -5.49 7.17
C ASN B 192 -13.63 -6.51 7.46
N ALA B 193 -12.71 -6.65 6.52
CA ALA B 193 -11.66 -7.62 6.70
C ALA B 193 -10.72 -7.26 7.83
N PHE B 194 -10.66 -5.99 8.17
CA PHE B 194 -9.79 -5.48 9.23
C PHE B 194 -10.52 -5.61 10.58
N THR B 195 -11.76 -5.13 10.61
CA THR B 195 -12.64 -5.21 11.77
C THR B 195 -14.03 -5.29 11.21
N PRO B 196 -14.86 -6.24 11.68
CA PRO B 196 -16.19 -6.36 11.07
C PRO B 196 -17.04 -5.13 11.32
N LEU B 197 -17.92 -4.84 10.36
CA LEU B 197 -18.92 -3.79 10.57
C LEU B 197 -20.23 -4.39 11.08
N THR B 198 -21.01 -3.57 11.74
CA THR B 198 -22.27 -4.06 12.25
C THR B 198 -23.21 -4.44 11.09
N LYS B 199 -24.14 -5.35 11.40
CA LYS B 199 -25.24 -5.76 10.52
C LYS B 199 -24.89 -6.72 9.39
N ILE B 200 -23.61 -6.87 9.04
CA ILE B 200 -23.27 -7.59 7.81
C ILE B 200 -22.27 -8.74 8.04
N PRO B 201 -22.69 -9.75 8.80
CA PRO B 201 -21.73 -10.79 9.20
C PRO B 201 -21.18 -11.59 8.03
N ALA B 202 -21.99 -11.97 7.08
CA ALA B 202 -21.50 -12.86 6.04
C ALA B 202 -20.55 -12.13 5.12
N TYR B 203 -20.88 -10.89 4.77
CA TYR B 203 -20.03 -10.12 3.90
C TYR B 203 -18.70 -9.83 4.58
N SER B 204 -18.78 -9.50 5.85
CA SER B 204 -17.58 -9.26 6.63
C SER B 204 -16.69 -10.52 6.68
N GLY B 205 -17.28 -11.68 6.96
CA GLY B 205 -16.52 -12.92 7.00
C GLY B 205 -15.91 -13.27 5.63
N ALA B 206 -16.67 -13.06 4.57
CA ALA B 206 -16.20 -13.41 3.24
C ALA B 206 -15.06 -12.50 2.81
N LYS B 207 -15.13 -11.23 3.18
CA LYS B 207 -14.03 -10.32 2.87
C LYS B 207 -12.80 -10.62 3.73
N ALA B 208 -12.96 -11.03 5.00
CA ALA B 208 -11.81 -11.53 5.74
C ALA B 208 -11.18 -12.70 5.00
N ALA B 209 -12.03 -13.59 4.48
CA ALA B 209 -11.52 -14.76 3.76
C ALA B 209 -10.79 -14.36 2.48
N ILE B 210 -11.27 -13.35 1.76
CA ILE B 210 -10.57 -12.99 0.53
C ILE B 210 -9.25 -12.26 0.82
N SER B 211 -9.16 -11.51 1.92
CA SER B 211 -7.88 -10.95 2.34
C SER B 211 -6.87 -12.07 2.60
N ASN B 212 -7.32 -13.10 3.31
CA ASN B 212 -6.54 -14.28 3.58
C ASN B 212 -6.11 -15.00 2.28
N PHE B 213 -7.03 -15.14 1.35
CA PHE B 213 -6.76 -15.82 0.09
C PHE B 213 -5.75 -15.07 -0.74
N THR B 214 -5.80 -13.74 -0.65
CA THR B 214 -4.82 -12.88 -1.33
C THR B 214 -3.41 -13.24 -0.87
N GLN B 215 -3.22 -13.31 0.45
CA GLN B 215 -1.92 -13.69 0.98
C GLN B 215 -1.56 -15.14 0.56
N TRP B 216 -2.54 -16.04 0.61
CA TRP B 216 -2.31 -17.44 0.25
C TRP B 216 -1.84 -17.55 -1.18
N LEU B 217 -2.50 -16.84 -2.10
CA LEU B 217 -2.14 -16.89 -3.50
C LEU B 217 -0.77 -16.30 -3.79
N ALA B 218 -0.48 -15.18 -3.12
CA ALA B 218 0.85 -14.55 -3.25
C ALA B 218 1.93 -15.56 -2.92
N VAL B 219 1.76 -16.33 -1.85
CA VAL B 219 2.73 -17.33 -1.50
C VAL B 219 2.69 -18.51 -2.50
N TYR B 220 1.50 -19.00 -2.84
CA TYR B 220 1.40 -20.17 -3.71
C TYR B 220 2.08 -19.95 -5.06
N PHE B 221 1.92 -18.76 -5.61
CA PHE B 221 2.45 -18.46 -6.94
C PHE B 221 3.83 -17.79 -6.90
N SER B 222 4.46 -17.76 -5.73
CA SER B 222 5.70 -16.99 -5.55
C SER B 222 6.94 -17.53 -6.28
N LYS B 223 6.88 -18.76 -6.76
CA LYS B 223 8.02 -19.32 -7.50
C LYS B 223 7.77 -19.27 -9.00
N VAL B 224 6.57 -18.89 -9.44
CA VAL B 224 6.26 -18.87 -10.87
C VAL B 224 5.88 -17.47 -11.35
N GLY B 225 6.10 -16.48 -10.50
CA GLY B 225 6.05 -15.10 -10.95
C GLY B 225 4.70 -14.44 -11.16
N ILE B 226 3.70 -14.87 -10.40
CA ILE B 226 2.39 -14.20 -10.41
C ILE B 226 2.17 -13.56 -9.05
N ARG B 227 2.20 -12.23 -9.00
CA ARG B 227 1.92 -11.54 -7.74
C ARG B 227 0.43 -11.53 -7.46
N CYS B 228 0.06 -11.44 -6.20
CA CYS B 228 -1.33 -11.24 -5.83
C CYS B 228 -1.38 -10.20 -4.72
N ASN B 229 -2.24 -9.20 -4.93
CA ASN B 229 -2.49 -8.15 -3.96
C ASN B 229 -3.94 -7.81 -3.93
N ALA B 230 -4.35 -7.06 -2.90
CA ALA B 230 -5.72 -6.60 -2.81
C ALA B 230 -5.79 -5.13 -2.47
N ILE B 231 -6.87 -4.50 -2.94
CA ILE B 231 -7.26 -3.16 -2.53
C ILE B 231 -8.43 -3.31 -1.58
N ALA B 232 -8.35 -2.62 -0.44
CA ALA B 232 -9.46 -2.57 0.50
C ALA B 232 -10.03 -1.16 0.51
N PRO B 233 -11.05 -0.93 -0.32
CA PRO B 233 -11.65 0.40 -0.28
C PRO B 233 -12.31 0.64 1.03
N GLY B 234 -12.31 1.90 1.44
CA GLY B 234 -13.06 2.33 2.60
C GLY B 234 -14.50 2.58 2.23
N PHE B 235 -15.07 3.65 2.77
CA PHE B 235 -16.45 3.98 2.53
C PHE B 235 -16.53 4.94 1.38
N LEU B 236 -17.11 4.45 0.27
CA LEU B 236 -17.19 5.22 -0.96
C LEU B 236 -18.64 5.59 -1.22
N VAL B 237 -18.84 6.68 -1.93
CA VAL B 237 -20.16 7.09 -2.37
C VAL B 237 -20.19 7.11 -3.89
N SER B 238 -21.33 6.72 -4.43
CA SER B 238 -21.62 6.85 -5.85
C SER B 238 -23.09 7.15 -5.99
N ASN B 239 -23.55 7.38 -7.21
CA ASN B 239 -24.97 7.69 -7.38
C ASN B 239 -25.81 6.44 -7.07
N GLN B 240 -25.21 5.25 -7.12
CA GLN B 240 -25.95 4.03 -6.79
C GLN B 240 -26.24 3.88 -5.30
N ASN B 241 -25.35 4.37 -4.43
CA ASN B 241 -25.60 4.21 -2.99
C ASN B 241 -25.88 5.52 -2.26
N LEU B 242 -25.92 6.65 -2.98
CA LEU B 242 -26.10 7.94 -2.32
C LEU B 242 -27.36 7.95 -1.47
N ALA B 243 -28.47 7.48 -2.03
CA ALA B 243 -29.73 7.53 -1.31
C ALA B 243 -29.69 6.72 -0.01
N LEU B 244 -28.87 5.66 0.02
CA LEU B 244 -28.75 4.82 1.21
C LEU B 244 -28.07 5.51 2.39
N LEU B 245 -27.40 6.63 2.12
CA LEU B 245 -26.74 7.41 3.19
C LEU B 245 -27.71 8.36 3.88
N PHE B 246 -28.96 8.40 3.43
CA PHE B 246 -30.00 9.26 4.00
C PHE B 246 -31.21 8.45 4.40
N ASP B 247 -31.93 8.93 5.40
CA ASP B 247 -33.23 8.36 5.69
C ASP B 247 -34.29 8.90 4.73
N THR B 248 -35.52 8.44 4.86
CA THR B 248 -36.50 8.76 3.85
C THR B 248 -36.96 10.22 3.89
N GLU B 249 -36.58 10.96 4.92
CA GLU B 249 -36.80 12.40 5.03
C GLU B 249 -35.58 13.24 4.64
N GLY B 250 -34.55 12.59 4.14
CA GLY B 250 -33.38 13.30 3.63
C GLY B 250 -32.34 13.70 4.67
N LYS B 251 -32.45 13.19 5.88
CA LYS B 251 -31.43 13.42 6.90
C LYS B 251 -30.37 12.35 6.81
N PRO B 252 -29.09 12.69 7.03
CA PRO B 252 -28.08 11.62 7.05
C PRO B 252 -28.45 10.53 8.06
N THR B 253 -28.21 9.28 7.68
CA THR B 253 -28.44 8.18 8.58
C THR B 253 -27.46 8.21 9.74
N ASP B 254 -27.83 7.56 10.83
CA ASP B 254 -26.90 7.38 11.91
C ASP B 254 -25.63 6.66 11.45
N ARG B 255 -25.77 5.66 10.59
CA ARG B 255 -24.58 4.97 10.08
C ARG B 255 -23.66 5.90 9.28
N ALA B 256 -24.24 6.75 8.46
CA ALA B 256 -23.42 7.68 7.70
C ALA B 256 -22.68 8.61 8.65
N ASN B 257 -23.37 9.06 9.68
CA ASN B 257 -22.72 9.95 10.65
C ASN B 257 -21.61 9.23 11.39
N LYS B 258 -21.78 7.94 11.71
CA LYS B 258 -20.73 7.15 12.35
C LYS B 258 -19.53 6.97 11.43
N ILE B 259 -19.80 6.74 10.15
CA ILE B 259 -18.72 6.65 9.18
C ILE B 259 -17.88 7.94 9.13
N LEU B 260 -18.54 9.09 9.04
CA LEU B 260 -17.82 10.35 9.00
C LEU B 260 -17.06 10.60 10.31
N THR B 261 -17.67 10.26 11.43
CA THR B 261 -17.03 10.40 12.75
C THR B 261 -15.74 9.58 12.89
N ASN B 262 -15.74 8.39 12.30
CA ASN B 262 -14.63 7.47 12.47
C ASN B 262 -13.69 7.44 11.27
N THR B 263 -13.94 8.31 10.28
CA THR B 263 -13.02 8.54 9.15
C THR B 263 -12.25 9.83 9.37
N PRO B 264 -10.95 9.74 9.64
CA PRO B 264 -10.21 10.97 9.93
C PRO B 264 -10.37 12.05 8.87
N MSE B 265 -10.31 11.69 7.57
CA MSE B 265 -10.43 12.73 6.55
C MSE B 265 -11.85 13.27 6.43
O MSE B 265 -12.09 14.24 5.70
CB MSE B 265 -9.91 12.18 5.23
CG MSE B 265 -8.41 12.06 5.25
SE MSE B 265 -7.59 11.54 3.58
CE MSE B 265 -8.06 13.12 2.57
H MSE B 265 -10.20 10.89 7.28
HA MSE B 265 -9.84 13.46 6.80
HB2 MSE B 265 -10.29 11.31 5.07
HB3 MSE B 265 -10.17 12.79 4.52
HG2 MSE B 265 -8.04 12.93 5.49
HG3 MSE B 265 -8.16 11.40 5.91
HE1 MSE B 265 -7.71 13.02 1.66
HE2 MSE B 265 -9.02 13.20 2.54
HE3 MSE B 265 -7.66 13.89 2.99
N GLY B 266 -12.79 12.68 7.14
CA GLY B 266 -14.10 13.29 7.37
C GLY B 266 -15.01 13.33 6.15
N ARG B 267 -14.86 12.36 5.27
CA ARG B 267 -15.68 12.29 4.08
C ARG B 267 -15.72 10.87 3.57
N PHE B 268 -16.68 10.62 2.68
CA PHE B 268 -16.69 9.43 1.82
C PHE B 268 -15.68 9.56 0.70
N GLY B 269 -15.16 8.43 0.25
CA GLY B 269 -14.26 8.41 -0.89
C GLY B 269 -15.06 8.34 -2.19
N GLU B 270 -14.35 8.52 -3.31
CA GLU B 270 -14.95 8.42 -4.63
C GLU B 270 -14.24 7.32 -5.42
N SER B 271 -14.90 6.82 -6.45
CA SER B 271 -14.33 5.75 -7.25
C SER B 271 -12.96 6.11 -7.80
N GLU B 272 -12.80 7.35 -8.23
CA GLU B 272 -11.55 7.80 -8.85
C GLU B 272 -10.38 7.65 -7.86
N GLU B 273 -10.68 7.62 -6.57
CA GLU B 273 -9.64 7.59 -5.57
C GLU B 273 -9.08 6.18 -5.38
N LEU B 274 -9.60 5.21 -6.13
CA LEU B 274 -9.03 3.86 -6.15
C LEU B 274 -8.08 3.62 -7.32
N LEU B 275 -8.08 4.54 -8.28
CA LEU B 275 -7.35 4.29 -9.54
C LEU B 275 -5.83 4.23 -9.31
N GLY B 276 -5.30 5.17 -8.53
CA GLY B 276 -3.87 5.18 -8.28
C GLY B 276 -3.37 3.88 -7.67
N ALA B 277 -4.10 3.37 -6.66
CA ALA B 277 -3.72 2.13 -6.02
C ALA B 277 -3.73 0.96 -6.98
N LEU B 278 -4.73 0.94 -7.85
CA LEU B 278 -4.82 -0.12 -8.86
C LEU B 278 -3.65 -0.05 -9.84
N LEU B 279 -3.36 1.13 -10.36
CA LEU B 279 -2.25 1.26 -11.30
C LEU B 279 -0.90 0.87 -10.65
N PHE B 280 -0.69 1.34 -9.42
CA PHE B 280 0.48 1.00 -8.63
C PHE B 280 0.65 -0.51 -8.54
N LEU B 281 -0.39 -1.22 -8.16
CA LEU B 281 -0.26 -2.64 -7.90
C LEU B 281 -0.14 -3.48 -9.16
N ILE B 282 -0.73 -3.06 -10.29
CA ILE B 282 -0.70 -3.92 -11.48
C ILE B 282 0.52 -3.68 -12.37
N ASP B 283 1.24 -2.59 -12.13
CA ASP B 283 2.37 -2.18 -12.99
C ASP B 283 3.68 -2.61 -12.36
N GLU B 284 4.35 -3.61 -12.95
CA GLU B 284 5.59 -4.13 -12.39
C GLU B 284 6.70 -3.12 -12.25
N ASN B 285 6.66 -2.04 -13.03
CA ASN B 285 7.65 -0.99 -12.86
C ASN B 285 7.51 -0.26 -11.53
N TYR B 286 6.31 -0.33 -10.96
CA TYR B 286 6.01 0.31 -9.69
C TYR B 286 6.05 -0.63 -8.49
N SER B 287 5.66 -1.89 -8.69
CA SER B 287 5.33 -2.75 -7.56
C SER B 287 5.87 -4.19 -7.69
N ALA B 288 6.97 -4.37 -8.41
CA ALA B 288 7.53 -5.72 -8.64
C ALA B 288 7.79 -6.51 -7.34
N PHE B 289 8.10 -5.81 -6.26
CA PHE B 289 8.45 -6.46 -5.01
C PHE B 289 7.32 -6.30 -3.98
N VAL B 290 6.16 -5.81 -4.44
CA VAL B 290 4.98 -5.68 -3.58
C VAL B 290 4.06 -6.87 -3.83
N ASN B 291 3.87 -7.71 -2.81
CA ASN B 291 3.22 -8.98 -3.01
C ASN B 291 2.55 -9.39 -1.71
N GLY B 292 1.30 -9.86 -1.82
CA GLY B 292 0.53 -10.30 -0.68
C GLY B 292 0.01 -9.19 0.23
N VAL B 293 -0.07 -7.97 -0.30
CA VAL B 293 -0.52 -6.81 0.46
C VAL B 293 -2.00 -6.58 0.28
N VAL B 294 -2.64 -6.15 1.36
CA VAL B 294 -4.02 -5.66 1.35
C VAL B 294 -3.91 -4.15 1.64
N LEU B 295 -4.11 -3.34 0.62
CA LEU B 295 -3.88 -1.89 0.66
C LEU B 295 -5.16 -1.13 0.95
N PRO B 296 -5.29 -0.53 2.15
CA PRO B 296 -6.48 0.27 2.46
C PRO B 296 -6.48 1.61 1.75
N VAL B 297 -7.64 1.98 1.19
CA VAL B 297 -7.82 3.28 0.57
C VAL B 297 -9.05 3.85 1.24
N ASP B 298 -8.85 4.50 2.36
CA ASP B 298 -9.93 4.65 3.33
C ASP B 298 -9.95 5.92 4.15
N GLY B 299 -9.19 6.92 3.76
CA GLY B 299 -9.25 8.22 4.42
C GLY B 299 -8.73 8.18 5.85
N GLY B 300 -7.97 7.12 6.17
CA GLY B 300 -7.45 6.90 7.50
C GLY B 300 -8.33 6.07 8.43
N PHE B 301 -9.42 5.52 7.93
CA PHE B 301 -10.37 4.79 8.78
C PHE B 301 -9.69 3.68 9.60
N SER B 302 -8.91 2.84 8.92
CA SER B 302 -8.31 1.71 9.64
C SER B 302 -7.12 2.12 10.52
N ALA B 303 -6.67 3.37 10.42
CA ALA B 303 -5.62 3.92 11.29
C ALA B 303 -6.15 4.59 12.54
N TYR B 304 -7.46 4.65 12.68
CA TYR B 304 -8.10 5.36 13.78
C TYR B 304 -8.72 4.42 14.76
N SER B 305 -8.56 4.81 16.02
CA SER B 305 -9.05 4.09 17.19
C SER B 305 -10.51 4.41 17.56
N GLY B 306 -11.00 5.57 17.14
CA GLY B 306 -12.27 6.10 17.60
C GLY B 306 -12.15 7.01 18.81
N VAL B 307 -10.95 7.07 19.40
CA VAL B 307 -10.75 7.79 20.65
C VAL B 307 -9.57 8.72 20.51
PA NAD C . 21.98 4.60 6.16
O1A NAD C . 22.66 4.14 7.41
O2A NAD C . 22.63 4.09 4.90
O5B NAD C . 21.95 6.20 6.14
C5B NAD C . 21.32 6.86 7.28
C4B NAD C . 21.61 8.32 7.12
O4B NAD C . 21.11 8.92 8.17
C3B NAD C . 23.12 8.52 7.12
O3B NAD C . 23.53 9.21 5.97
C2B NAD C . 23.38 9.31 8.42
O2B NAD C . 24.51 10.27 8.25
C1B NAD C . 22.24 9.92 8.67
N9A NAD C . 22.07 10.24 10.08
C8A NAD C . 22.36 9.50 11.19
N7A NAD C . 22.06 10.22 12.30
C5A NAD C . 21.57 11.42 11.87
C6A NAD C . 21.12 12.53 12.60
N6A NAD C . 21.08 12.58 14.02
N1A NAD C . 20.67 13.63 11.92
C2A NAD C . 20.68 13.65 10.56
N3A NAD C . 21.11 12.56 9.82
C4A NAD C . 21.57 11.45 10.52
O3 NAD C . 20.47 4.22 6.31
PN NAD C . 19.55 3.33 5.27
O1N NAD C . 20.02 1.90 5.36
O2N NAD C . 19.63 3.85 3.84
O5D NAD C . 18.09 3.43 5.84
C5D NAD C . 17.31 4.61 5.64
C4D NAD C . 15.95 4.44 6.36
O4D NAD C . 15.37 3.29 5.98
C3D NAD C . 16.14 4.30 7.84
O3D NAD C . 15.07 4.82 8.56
C2D NAD C . 16.13 2.75 8.06
O2D NAD C . 15.82 2.61 9.49
C1D NAD C . 15.18 2.38 7.28
N1N NAD C . 15.21 1.05 6.71
C2N NAD C . 16.24 0.67 5.88
C3N NAD C . 16.25 -0.59 5.29
C7N NAD C . 17.43 -1.02 4.37
O7N NAD C . 17.38 -2.06 3.74
N7N NAD C . 18.61 -0.15 4.22
C4N NAD C . 15.20 -1.45 5.51
C5N NAD C . 14.15 -1.05 6.32
C6N NAD C . 14.15 0.21 6.90
H51A NAD C . 21.70 6.51 8.13
H52A NAD C . 20.37 6.71 7.26
H4B NAD C . 21.23 8.64 6.35
H3B NAD C . 23.56 7.65 7.15
HO3A NAD C . 24.47 9.18 5.92
H2B NAD C . 23.60 8.66 9.17
HO2A NAD C . 25.17 9.88 7.83
H1B NAD C . 22.21 10.75 8.14
H8A NAD C . 22.76 8.53 11.19
H61A NAD C . 21.35 11.88 14.50
H62A NAD C . 20.79 13.34 14.44
H2A NAD C . 20.34 14.47 10.07
H51N NAD C . 17.78 5.38 6.02
H52N NAD C . 17.17 4.75 4.72
H4D NAD C . 15.37 5.18 6.17
H3D NAD C . 17.06 4.72 8.15
HO3N NAD C . 15.23 4.70 9.49
H2D NAD C . 16.98 2.34 7.82
HO2N NAD C . 16.52 2.90 9.98
H1D NAD C . 14.29 2.56 7.70
H2N NAD C . 16.97 1.28 5.71
H71N NAD C . 19.32 -0.42 3.67
H72N NAD C . 18.65 0.64 4.68
H4N NAD C . 15.19 -2.28 5.14
H5N NAD C . 13.37 -1.68 6.50
H6N NAD C . 13.29 0.10 7.37
C1 EDO D . 11.83 8.72 21.49
O1 EDO D . 12.72 9.14 20.45
C2 EDO D . 12.60 8.89 22.78
O2 EDO D . 13.63 7.91 22.82
H11 EDO D . 11.54 7.68 21.35
H12 EDO D . 10.92 9.34 21.50
HO1 EDO D . 12.27 9.05 19.59
H21 EDO D . 11.93 8.76 23.65
H22 EDO D . 13.03 9.89 22.84
HO2 EDO D . 14.13 8.00 23.64
C1 EDO E . 13.73 -5.29 7.24
O1 EDO E . 12.69 -4.31 7.05
C2 EDO E . 15.05 -4.59 7.49
O2 EDO E . 14.91 -3.66 8.58
H11 EDO E . 13.81 -5.92 6.35
H12 EDO E . 13.49 -5.93 8.09
HO1 EDO E . 11.85 -4.78 6.89
H21 EDO E . 15.36 -4.05 6.59
H22 EDO E . 15.83 -5.32 7.73
HO2 EDO E . 15.75 -3.21 8.74
PA NAD F . -21.80 -3.80 -7.88
O1A NAD F . -22.85 -4.37 -7.00
O2A NAD F . -22.02 -2.38 -8.33
O5B NAD F . -21.54 -4.70 -9.17
C5B NAD F . -21.20 -6.11 -9.00
C4B NAD F . -21.15 -6.68 -10.40
O4B NAD F . -20.95 -7.98 -10.25
C3B NAD F . -22.49 -6.48 -11.12
O3B NAD F . -22.35 -5.92 -12.38
C2B NAD F . -23.06 -7.90 -11.19
O2B NAD F . -23.90 -8.10 -12.40
C1B NAD F . -21.99 -8.67 -11.21
N9A NAD F . -22.21 -10.01 -10.71
C8A NAD F . -22.98 -10.41 -9.66
N7A NAD F . -22.93 -11.75 -9.56
C5A NAD F . -22.12 -12.20 -10.58
C6A NAD F . -21.71 -13.49 -10.94
N6A NAD F . -22.10 -14.67 -10.29
N1A NAD F . -20.89 -13.67 -12.01
C2A NAD F . -20.43 -12.60 -12.73
N3A NAD F . -20.82 -11.31 -12.37
C4A NAD F . -21.67 -11.13 -11.29
O3 NAD F . -20.45 -3.93 -7.07
PN NAD F . -19.45 -2.76 -6.49
O1N NAD F . -20.18 -1.96 -5.44
O2N NAD F . -18.91 -1.86 -7.56
O5D NAD F . -18.33 -3.62 -5.78
C5D NAD F . -17.31 -4.26 -6.57
C4D NAD F . -16.27 -4.93 -5.63
O4D NAD F . -15.83 -4.03 -4.75
C3D NAD F . -16.93 -6.02 -4.83
O3D NAD F . -16.06 -7.07 -4.55
C2D NAD F . -17.28 -5.26 -3.50
O2D NAD F . -17.54 -6.31 -2.50
C1D NAD F . -16.21 -4.58 -3.29
N1N NAD F . -16.30 -3.36 -2.51
C2N NAD F . -17.13 -2.33 -2.90
C3N NAD F . -17.18 -1.16 -2.15
C7N NAD F . -18.12 0.00 -2.56
O7N NAD F . -18.07 1.06 -1.97
N7N NAD F . -19.05 -0.18 -3.69
C4N NAD F . -16.38 -1.02 -1.03
C5N NAD F . -15.53 -2.04 -0.67
C6N NAD F . -15.49 -3.21 -1.41
H51A NAD F . -20.31 -6.20 -8.58
H52A NAD F . -21.86 -6.56 -8.47
H4B NAD F . -20.47 -6.30 -10.88
H3B NAD F . -23.08 -5.91 -10.57
HO3A NAD F . -22.95 -5.21 -12.48
H2B NAD F . -23.61 -8.10 -10.35
HO2A NAD F . -24.25 -8.90 -12.38
H1B NAD F . -21.63 -8.71 -12.13
H8A NAD F . -23.53 -9.77 -9.03
H61A NAD F . -21.82 -15.46 -10.59
H62A NAD F . -22.65 -14.64 -9.56
H2A NAD F . -19.82 -12.74 -13.52
H51N NAD F . -17.71 -4.93 -7.15
H52N NAD F . -16.87 -3.61 -7.10
H4D NAD F . -15.54 -5.29 -6.14
H3D NAD F . -17.80 -6.36 -5.31
HO3N NAD F . -15.53 -7.25 -5.31
H2D NAD F . -18.05 -4.68 -3.61
HO2N NAD F . -18.24 -6.81 -2.77
H1D NAD F . -15.49 -5.16 -2.94
H2N NAD F . -17.69 -2.43 -3.68
H71N NAD F . -19.62 0.51 -3.95
H72N NAD F . -19.08 -0.98 -4.13
H4N NAD F . -16.41 -0.25 -0.55
H5N NAD F . -14.95 -1.95 0.15
H6N NAD F . -14.83 -3.65 -0.86
C1 EDO G . -16.69 -20.23 -0.34
O1 EDO G . -17.16 -19.41 -1.42
C2 EDO G . -17.74 -21.32 -0.12
O2 EDO G . -18.98 -20.67 0.19
H11 EDO G . -16.58 -19.63 0.56
H12 EDO G . -15.73 -20.68 -0.58
HO1 EDO G . -16.52 -18.71 -1.59
H21 EDO G . -17.85 -21.91 -1.03
H22 EDO G . -17.44 -21.97 0.69
HO2 EDO G . -19.66 -21.35 0.33
C1 EDO H . -17.34 -1.16 3.82
O1 EDO H . -17.69 -1.96 2.68
C2 EDO H . -16.11 -0.33 3.48
O2 EDO H . -15.07 -1.16 2.95
H11 EDO H . -17.12 -1.81 4.67
H12 EDO H . -18.18 -0.50 4.08
HO1 EDO H . -18.47 -2.49 2.89
H21 EDO H . -16.39 0.43 2.75
H22 EDO H . -15.77 0.18 4.38
HO2 EDO H . -14.30 -0.61 2.74
#